data_4HCR
#
_entry.id   4HCR
#
_cell.length_a   39.940
_cell.length_b   112.260
_cell.length_c   157.920
_cell.angle_alpha   90.00
_cell.angle_beta   89.95
_cell.angle_gamma   90.00
#
_symmetry.space_group_name_H-M   'P 1 21 1'
#
loop_
_entity.id
_entity.type
_entity.pdbx_description
1 polymer 'PF-547659 heavy chain'
2 polymer 'PF-547659 light chain'
3 polymer 'Mucosal addressin cell adhesion molecule 1'
4 water water
#
loop_
_entity_poly.entity_id
_entity_poly.type
_entity_poly.pdbx_seq_one_letter_code
_entity_poly.pdbx_strand_id
1 'polypeptide(L)'
;QVQLVQSGAEVKKPGASVKVSCKASGYTFTSYGINWVRQAPGQGLEWMGWISVYSGNTNYAQKVQGRVTMTADTSTSTAY
MDLRSLRSDDTAVYYCAREGSSSSGDYYYGMDVWGQGTTVTVSSASTKGPSVFPLAPCSRSTSESTAALGCLVKDYFPEP
VTVSWNSGALTSGVHTFPAVLQSSGLYSLSSVVTVPSSNFGTQTYTCNVDHKPSNTKVDKTVERKCCVE
;
H,M
2 'polypeptide(L)'
;DIVMTQTPLSLSVTPGQPASISCKSSQSLLHTDGTTYLYWYLQKPGQPPQLLIYEVSNRFSGVPDRFSGSGSGTDFTLKI
SRVEAEDVGIYYCMQNIQLPWTFGQGTKVEIKRTVAAPSVFIFPPSDEQLKSGTASVVCLLNNFYPREAKVQWKVDNALQ
SGNSQESVTEQDSKDSTYSLSSTLTLSKADYEKHKVYACEVTHQGLSSPVTKSFNRGEC
;
L,N
3 'polypeptide(L)'
;VKPLQVEPPEPVVAVALGASRQLTCRLACADRGASVQWRGLDTSLGAVQSDTGRSVLTVRNASLSAAGTRVCVGSCGGRT
FQHTVQLLVYAFPNQLTVSPAALVPGDPEVACTAHKVTPVDPNALSFSLLVGGQELEGAQALGPEVQEEEEEPQGDEDVL
FRVTERWRLPPLGTPVPPALYCQATMRLPGLELSHRQAIPVLHHHHHHH
;
A,B
#
# COMPACT_ATOMS: atom_id res chain seq x y z
N GLN A 1 3.96 -11.88 22.54
CA GLN A 1 3.02 -10.80 22.96
C GLN A 1 2.68 -9.84 21.85
N VAL A 2 1.40 -9.87 21.49
CA VAL A 2 0.89 -9.03 20.43
C VAL A 2 1.37 -7.62 20.73
N GLN A 3 1.98 -7.00 19.72
CA GLN A 3 2.51 -5.66 19.86
C GLN A 3 2.46 -4.76 18.63
N LEU A 4 2.12 -3.49 18.87
CA LEU A 4 2.18 -2.47 17.83
C LEU A 4 3.16 -1.37 18.23
N VAL A 5 4.23 -1.24 17.46
CA VAL A 5 5.27 -0.25 17.72
C VAL A 5 5.19 0.88 16.69
N GLN A 6 4.89 2.08 17.17
CA GLN A 6 4.76 3.24 16.31
C GLN A 6 6.05 4.04 16.21
N SER A 7 6.19 4.79 15.12
CA SER A 7 7.36 5.64 14.92
C SER A 7 7.40 6.78 15.93
N GLY A 8 8.54 7.50 15.98
CA GLY A 8 8.75 8.47 17.04
C GLY A 8 8.00 9.78 16.85
N ALA A 9 8.08 10.64 17.86
CA ALA A 9 7.36 11.89 17.82
C ALA A 9 7.81 12.73 16.63
N GLU A 10 6.91 13.55 16.10
CA GLU A 10 7.22 14.41 14.96
C GLU A 10 6.85 15.86 15.21
N VAL A 11 7.66 16.75 14.67
CA VAL A 11 7.30 18.15 14.60
C VAL A 11 7.19 18.56 13.13
N LYS A 12 6.07 19.16 12.77
CA LYS A 12 5.82 19.65 11.41
C LYS A 12 5.19 21.02 11.49
N LYS A 13 5.40 21.78 10.42
CA LYS A 13 4.87 23.13 10.34
C LYS A 13 3.43 23.04 9.86
N PRO A 14 2.59 24.02 10.23
CA PRO A 14 1.25 24.05 9.65
C PRO A 14 1.28 24.01 8.12
N GLY A 15 0.55 23.11 7.49
CA GLY A 15 0.51 23.06 6.04
C GLY A 15 1.40 21.99 5.48
N ALA A 16 2.18 21.38 6.38
CA ALA A 16 3.05 20.31 5.95
C ALA A 16 2.26 19.00 6.00
N SER A 17 2.98 17.89 5.99
CA SER A 17 2.35 16.58 6.03
C SER A 17 3.21 15.64 6.88
N VAL A 18 2.58 14.61 7.39
CA VAL A 18 3.25 13.66 8.27
C VAL A 18 2.83 12.20 8.00
N LYS A 19 3.77 11.27 8.10
CA LYS A 19 3.46 9.86 7.91
C LYS A 19 3.89 9.07 9.14
N VAL A 20 2.90 8.50 9.84
CA VAL A 20 3.14 7.74 11.07
C VAL A 20 3.03 6.27 10.72
N SER A 21 3.97 5.48 11.26
CA SER A 21 4.03 4.05 10.97
C SER A 21 3.67 3.25 12.21
N CYS A 22 3.32 1.98 12.03
CA CYS A 22 2.80 1.13 13.08
C CYS A 22 3.23 -0.28 12.75
N LYS A 23 4.29 -0.75 13.39
CA LYS A 23 4.89 -2.02 13.02
C LYS A 23 4.30 -3.17 13.87
N ALA A 24 3.72 -4.18 13.21
CA ALA A 24 3.03 -5.28 13.89
C ALA A 24 3.90 -6.53 14.12
N SER A 25 3.77 -7.13 15.31
CA SER A 25 4.43 -8.38 15.67
C SER A 25 3.63 -9.12 16.73
N GLY A 26 3.85 -10.42 16.86
CA GLY A 26 3.18 -11.23 17.86
C GLY A 26 1.80 -11.70 17.47
N TYR A 27 1.38 -11.37 16.25
CA TYR A 27 0.12 -11.90 15.73
C TYR A 27 0.07 -11.85 14.20
N THR A 28 -0.98 -12.43 13.61
CA THR A 28 -1.15 -12.42 12.17
C THR A 28 -1.69 -11.08 11.68
N PHE A 29 -0.84 -10.31 11.02
CA PHE A 29 -1.16 -8.94 10.63
C PHE A 29 -2.44 -8.88 9.78
N THR A 30 -2.61 -9.84 8.89
CA THR A 30 -3.72 -9.81 7.94
C THR A 30 -5.08 -10.29 8.50
N SER A 31 -5.11 -10.80 9.73
CA SER A 31 -6.38 -11.26 10.32
C SER A 31 -7.14 -10.14 11.06
N TYR A 32 -6.49 -8.99 11.19
CA TYR A 32 -7.05 -7.84 11.88
C TYR A 32 -6.91 -6.60 11.03
N GLY A 33 -7.84 -5.67 11.19
CA GLY A 33 -7.72 -4.35 10.62
C GLY A 33 -6.90 -3.45 11.52
N ILE A 34 -6.66 -2.22 11.07
CA ILE A 34 -5.94 -1.24 11.89
C ILE A 34 -6.72 0.06 12.00
N ASN A 35 -7.05 0.46 13.22
CA ASN A 35 -7.63 1.79 13.43
C ASN A 35 -6.58 2.82 13.82
N TRP A 36 -6.84 4.07 13.49
CA TRP A 36 -6.07 5.19 14.01
C TRP A 36 -7.02 6.08 14.80
N VAL A 37 -6.64 6.34 16.04
CA VAL A 37 -7.40 7.15 16.99
C VAL A 37 -6.46 8.16 17.63
N ARG A 38 -6.86 9.42 17.66
CA ARG A 38 -6.01 10.46 18.22
C ARG A 38 -6.56 11.15 19.45
N GLN A 39 -5.66 11.83 20.14
CA GLN A 39 -6.02 12.57 21.32
C GLN A 39 -5.24 13.86 21.40
N ALA A 40 -5.97 14.93 21.08
CA ALA A 40 -5.47 16.30 21.20
C ALA A 40 -5.25 16.58 22.69
N PRO A 41 -4.34 17.50 23.04
CA PRO A 41 -3.98 17.68 24.45
C PRO A 41 -5.14 17.95 25.42
N GLY A 42 -5.21 17.21 26.53
CA GLY A 42 -6.29 17.35 27.48
C GLY A 42 -7.66 17.18 26.85
N GLN A 43 -7.75 16.24 25.91
CA GLN A 43 -8.97 16.01 25.16
C GLN A 43 -9.34 14.55 25.15
N GLY A 44 -10.55 14.27 24.67
CA GLY A 44 -11.05 12.92 24.56
C GLY A 44 -10.39 12.16 23.42
N LEU A 45 -10.82 10.92 23.22
CA LEU A 45 -10.35 10.11 22.10
C LEU A 45 -11.23 10.39 20.89
N GLU A 46 -10.64 10.30 19.71
CA GLU A 46 -11.39 10.50 18.50
C GLU A 46 -10.86 9.59 17.42
N TRP A 47 -11.78 8.81 16.85
CA TRP A 47 -11.45 7.89 15.75
C TRP A 47 -11.09 8.69 14.50
N MET A 48 -9.96 8.35 13.87
CA MET A 48 -9.46 9.07 12.68
C MET A 48 -9.65 8.36 11.34
N GLY A 49 -9.46 7.06 11.30
CA GLY A 49 -9.58 6.32 10.06
C GLY A 49 -9.30 4.85 10.26
N TRP A 50 -9.47 4.07 9.20
CA TRP A 50 -9.36 2.62 9.28
C TRP A 50 -8.75 2.03 7.99
N ILE A 51 -7.85 1.07 8.15
CA ILE A 51 -7.30 0.35 7.00
C ILE A 51 -7.54 -1.14 7.20
N SER A 52 -8.21 -1.77 6.24
CA SER A 52 -8.38 -3.22 6.23
C SER A 52 -7.15 -3.84 5.62
N VAL A 53 -6.32 -4.44 6.45
CA VAL A 53 -5.00 -4.92 6.02
C VAL A 53 -5.09 -5.87 4.82
N TYR A 54 -6.03 -6.82 4.85
CA TYR A 54 -6.10 -7.87 3.84
C TYR A 54 -6.69 -7.41 2.50
N SER A 55 -7.51 -6.37 2.50
CA SER A 55 -8.21 -5.96 1.27
C SER A 55 -7.74 -4.65 0.69
N GLY A 56 -7.17 -3.79 1.54
CA GLY A 56 -6.76 -2.46 1.13
C GLY A 56 -7.86 -1.40 1.28
N ASN A 57 -9.05 -1.81 1.70
CA ASN A 57 -10.16 -0.88 1.93
C ASN A 57 -9.91 0.02 3.14
N THR A 58 -10.44 1.23 3.07
CA THR A 58 -10.26 2.21 4.12
C THR A 58 -11.57 2.91 4.41
N ASN A 59 -11.57 3.62 5.53
CA ASN A 59 -12.61 4.56 5.86
C ASN A 59 -12.03 5.72 6.64
N TYR A 60 -12.38 6.94 6.26
CA TYR A 60 -11.82 8.10 6.95
C TYR A 60 -12.89 8.91 7.68
N ALA A 61 -12.51 9.48 8.82
CA ALA A 61 -13.34 10.40 9.59
C ALA A 61 -13.42 11.76 8.90
N GLN A 62 -14.45 12.56 9.21
CA GLN A 62 -14.59 13.84 8.56
C GLN A 62 -13.46 14.84 8.70
N LYS A 63 -12.84 14.80 9.87
CA LYS A 63 -11.77 15.73 10.19
C LYS A 63 -10.52 15.54 9.34
N VAL A 64 -10.34 14.36 8.76
CA VAL A 64 -9.15 14.14 7.95
C VAL A 64 -9.48 13.75 6.51
N GLN A 65 -10.74 13.46 6.22
CA GLN A 65 -11.13 13.11 4.85
C GLN A 65 -10.69 14.19 3.85
N GLY A 66 -10.02 13.74 2.78
CA GLY A 66 -9.56 14.65 1.74
C GLY A 66 -8.10 15.02 1.86
N ARG A 67 -7.49 14.69 2.99
CA ARG A 67 -6.08 15.00 3.20
C ARG A 67 -5.36 13.93 4.01
N VAL A 68 -5.90 12.71 3.99
CA VAL A 68 -5.25 11.61 4.69
C VAL A 68 -5.23 10.36 3.80
N THR A 69 -4.22 9.51 3.96
CA THR A 69 -4.21 8.23 3.26
C THR A 69 -3.65 7.21 4.25
N MET A 70 -4.38 6.13 4.52
CA MET A 70 -3.88 5.08 5.41
C MET A 70 -3.69 3.80 4.60
N THR A 71 -2.56 3.12 4.80
CA THR A 71 -2.26 1.89 4.05
C THR A 71 -1.59 0.83 4.96
N ALA A 72 -1.46 -0.38 4.43
CA ALA A 72 -0.85 -1.49 5.15
C ALA A 72 0.05 -2.25 4.20
N ASP A 73 1.25 -2.49 4.69
CA ASP A 73 2.29 -3.23 3.97
C ASP A 73 2.46 -4.64 4.50
N THR A 74 1.99 -5.62 3.74
CA THR A 74 2.06 -7.00 4.18
C THR A 74 3.47 -7.58 4.08
N SER A 75 4.39 -6.84 3.48
CA SER A 75 5.76 -7.33 3.38
C SER A 75 6.58 -7.03 4.64
N THR A 76 6.21 -5.99 5.37
CA THR A 76 6.91 -5.61 6.58
C THR A 76 6.00 -5.52 7.81
N SER A 77 4.77 -6.01 7.68
CA SER A 77 3.78 -5.93 8.74
C SER A 77 3.68 -4.51 9.33
N THR A 78 3.60 -3.51 8.47
CA THR A 78 3.55 -2.12 8.91
C THR A 78 2.39 -1.37 8.28
N ALA A 79 1.70 -0.58 9.10
CA ALA A 79 0.61 0.26 8.65
C ALA A 79 1.00 1.71 8.78
N TYR A 80 0.44 2.56 7.93
CA TYR A 80 0.81 3.96 7.90
C TYR A 80 -0.40 4.87 7.91
N MET A 81 -0.28 5.99 8.62
CA MET A 81 -1.20 7.10 8.47
C MET A 81 -0.47 8.30 7.90
N ASP A 82 -0.98 8.77 6.77
CA ASP A 82 -0.37 9.87 6.06
C ASP A 82 -1.30 11.08 6.06
N LEU A 83 -1.04 12.05 6.94
CA LEU A 83 -1.95 13.20 7.08
C LEU A 83 -1.30 14.49 6.55
N ARG A 84 -1.83 15.03 5.45
N ARG A 84 -1.84 15.03 5.47
CA ARG A 84 -1.29 16.21 4.79
CA ARG A 84 -1.31 16.22 4.83
C ARG A 84 -2.12 17.45 5.18
C ARG A 84 -2.02 17.47 5.32
N SER A 85 -1.68 18.62 4.73
CA SER A 85 -2.34 19.90 5.04
C SER A 85 -2.56 20.12 6.51
N LEU A 86 -1.50 19.89 7.29
CA LEU A 86 -1.58 19.90 8.74
C LEU A 86 -2.04 21.22 9.33
N ARG A 87 -2.92 21.11 10.31
CA ARG A 87 -3.41 22.23 11.07
C ARG A 87 -2.81 22.22 12.49
N SER A 88 -2.76 23.38 13.15
CA SER A 88 -2.39 23.45 14.55
C SER A 88 -3.34 22.55 15.30
N ASP A 89 -4.60 22.49 14.85
CA ASP A 89 -5.57 21.67 15.55
C ASP A 89 -5.48 20.21 15.28
N ASP A 90 -4.49 19.81 14.51
CA ASP A 90 -4.15 18.43 14.35
C ASP A 90 -3.16 17.98 15.42
N THR A 91 -2.66 18.93 16.19
CA THR A 91 -1.71 18.62 17.23
C THR A 91 -2.34 17.59 18.13
N ALA A 92 -1.70 16.46 18.31
CA ALA A 92 -2.27 15.37 19.09
C ALA A 92 -1.34 14.19 19.17
N VAL A 93 -1.67 13.26 20.08
CA VAL A 93 -1.05 11.95 20.11
C VAL A 93 -1.87 11.03 19.19
N TYR A 94 -1.20 10.32 18.30
CA TYR A 94 -1.90 9.43 17.37
C TYR A 94 -1.65 8.00 17.74
N TYR A 95 -2.73 7.25 17.98
CA TYR A 95 -2.58 5.87 18.35
C TYR A 95 -3.00 4.97 17.17
N CYS A 96 -2.30 3.87 16.94
CA CYS A 96 -2.85 2.84 16.08
C CYS A 96 -3.29 1.67 16.98
N ALA A 97 -4.34 0.97 16.57
CA ALA A 97 -4.77 -0.22 17.30
C ALA A 97 -5.25 -1.28 16.30
N ARG A 98 -4.95 -2.54 16.60
CA ARG A 98 -5.47 -3.66 15.83
C ARG A 98 -6.92 -3.75 16.22
N GLU A 99 -7.69 -4.31 15.32
CA GLU A 99 -9.12 -4.36 15.44
C GLU A 99 -9.59 -5.69 14.85
N GLY A 100 -10.32 -6.51 15.60
CA GLY A 100 -10.73 -7.82 15.09
C GLY A 100 -11.51 -8.67 16.07
N SER A 101 -11.66 -9.96 15.77
CA SER A 101 -12.52 -10.83 16.56
C SER A 101 -11.72 -11.90 17.29
N SER A 102 -12.41 -12.79 17.99
CA SER A 102 -11.78 -13.97 18.56
C SER A 102 -11.41 -14.87 17.37
N SER A 103 -10.54 -15.87 17.59
CA SER A 103 -9.97 -16.67 16.52
C SER A 103 -11.00 -17.43 15.68
N SER A 104 -12.16 -17.68 16.25
CA SER A 104 -13.25 -18.36 15.57
C SER A 104 -14.23 -17.36 14.97
N GLY A 105 -14.04 -16.04 15.19
CA GLY A 105 -15.00 -15.10 14.64
C GLY A 105 -16.14 -14.97 15.59
N ASP A 106 -16.00 -15.59 16.75
CA ASP A 106 -17.09 -15.66 17.71
C ASP A 106 -17.55 -14.37 18.40
N TYR A 107 -16.57 -13.59 18.83
CA TYR A 107 -16.80 -12.29 19.47
C TYR A 107 -16.04 -11.20 18.75
N TYR A 108 -16.63 -10.01 18.66
CA TYR A 108 -15.87 -8.89 18.11
C TYR A 108 -15.30 -8.12 19.31
N TYR A 109 -13.97 -8.15 19.45
CA TYR A 109 -13.28 -7.55 20.60
C TYR A 109 -13.11 -6.05 20.48
N GLY A 110 -13.08 -5.52 19.26
CA GLY A 110 -12.73 -4.14 19.03
C GLY A 110 -11.24 -3.94 19.10
N MET A 111 -10.81 -2.83 19.71
CA MET A 111 -9.38 -2.52 19.75
C MET A 111 -8.72 -3.04 21.03
N ASP A 112 -8.22 -4.26 20.95
CA ASP A 112 -7.69 -4.93 22.13
C ASP A 112 -6.18 -4.71 22.29
N VAL A 113 -5.47 -4.35 21.22
CA VAL A 113 -4.04 -4.06 21.35
C VAL A 113 -3.72 -2.71 20.74
N TRP A 114 -3.08 -1.84 21.52
CA TRP A 114 -2.82 -0.47 21.09
C TRP A 114 -1.33 -0.21 20.94
N GLY A 115 -0.96 0.68 20.01
CA GLY A 115 0.42 1.15 19.94
C GLY A 115 0.67 2.14 21.09
N GLN A 116 1.93 2.50 21.30
CA GLN A 116 2.29 3.39 22.40
C GLN A 116 1.91 4.80 22.02
N GLY A 117 1.63 5.02 20.74
CA GLY A 117 1.23 6.35 20.32
C GLY A 117 2.41 7.13 19.75
N THR A 118 2.08 8.16 18.99
CA THR A 118 3.06 9.06 18.37
C THR A 118 2.65 10.49 18.53
N THR A 119 3.50 11.27 19.16
CA THR A 119 3.16 12.66 19.36
C THR A 119 3.48 13.39 18.07
N VAL A 120 2.47 14.06 17.53
CA VAL A 120 2.65 14.93 16.38
C VAL A 120 2.35 16.32 16.86
N THR A 121 3.41 17.11 16.88
CA THR A 121 3.35 18.51 17.25
C THR A 121 3.43 19.37 16.01
N VAL A 122 2.30 19.91 15.64
CA VAL A 122 2.22 20.83 14.52
C VAL A 122 2.54 22.22 15.05
N SER A 123 3.73 22.73 14.75
CA SER A 123 4.17 23.99 15.32
C SER A 123 5.15 24.64 14.40
N SER A 124 5.24 25.96 14.49
CA SER A 124 6.18 26.68 13.66
C SER A 124 7.47 26.95 14.42
N ALA A 125 7.52 26.52 15.67
CA ALA A 125 8.69 26.71 16.49
C ALA A 125 9.85 25.83 16.02
N SER A 126 11.07 26.23 16.38
CA SER A 126 12.28 25.49 16.07
C SER A 126 12.81 24.84 17.35
N THR A 127 13.51 23.73 17.18
CA THR A 127 14.08 22.98 18.27
C THR A 127 15.02 23.82 19.15
N LYS A 128 14.74 23.79 20.45
CA LYS A 128 15.46 24.58 21.44
C LYS A 128 15.56 23.81 22.74
N GLY A 129 16.78 23.80 23.27
CA GLY A 129 17.08 23.16 24.52
C GLY A 129 16.64 24.02 25.68
N PRO A 130 16.42 23.40 26.85
CA PRO A 130 15.89 24.13 28.00
C PRO A 130 16.94 24.92 28.80
N SER A 131 16.43 25.96 29.49
CA SER A 131 17.17 26.71 30.51
C SER A 131 16.79 26.24 31.93
N VAL A 132 17.76 25.78 32.70
CA VAL A 132 17.48 25.26 34.04
C VAL A 132 17.74 26.28 35.17
N PHE A 133 16.69 26.78 35.82
CA PHE A 133 16.88 27.76 36.89
C PHE A 133 16.56 27.19 38.30
N PRO A 134 17.32 27.63 39.32
CA PRO A 134 16.97 27.09 40.64
C PRO A 134 15.66 27.69 41.16
N LEU A 135 14.91 26.89 41.93
CA LEU A 135 13.74 27.41 42.61
C LEU A 135 14.07 27.33 44.07
N ALA A 136 14.55 28.43 44.66
CA ALA A 136 14.85 28.41 46.08
C ALA A 136 14.09 29.52 46.80
N PRO A 137 13.72 29.27 48.07
CA PRO A 137 13.05 30.25 48.93
C PRO A 137 13.80 31.57 49.09
N CYS A 138 13.08 32.63 49.46
CA CYS A 138 13.70 33.93 49.73
C CYS A 138 14.32 33.95 51.13
N SER A 145 9.40 22.22 59.67
CA SER A 145 10.57 21.44 59.30
C SER A 145 10.46 20.92 57.88
N THR A 146 9.70 21.60 57.05
CA THR A 146 9.67 21.29 55.64
C THR A 146 9.90 22.57 54.83
N ALA A 147 10.72 22.48 53.80
CA ALA A 147 11.01 23.53 52.83
C ALA A 147 10.91 22.87 51.45
N ALA A 148 10.63 23.69 50.46
CA ALA A 148 10.51 23.25 49.09
C ALA A 148 11.61 23.85 48.24
N LEU A 149 12.06 23.06 47.28
CA LEU A 149 13.06 23.53 46.34
C LEU A 149 12.80 22.85 45.01
N GLY A 150 13.45 23.30 43.94
CA GLY A 150 13.13 22.74 42.65
C GLY A 150 13.98 23.28 41.53
N CYS A 151 13.60 22.93 40.30
CA CYS A 151 14.25 23.43 39.10
C CYS A 151 13.18 23.86 38.13
N LEU A 152 13.38 25.01 37.48
CA LEU A 152 12.46 25.45 36.46
C LEU A 152 13.09 25.17 35.12
N VAL A 153 12.51 24.25 34.36
CA VAL A 153 13.00 23.89 33.04
C VAL A 153 12.20 24.67 31.99
N LYS A 154 12.84 25.70 31.47
CA LYS A 154 12.19 26.75 30.68
C LYS A 154 12.64 26.89 29.24
N ASP A 155 11.68 27.29 28.42
CA ASP A 155 11.90 27.61 27.00
C ASP A 155 12.51 26.45 26.27
N TYR A 156 11.78 25.34 26.16
CA TYR A 156 12.29 24.25 25.35
C TYR A 156 11.25 23.81 24.33
N PHE A 157 11.74 23.11 23.32
CA PHE A 157 10.92 22.58 22.24
C PHE A 157 11.70 21.51 21.50
N PRO A 158 11.02 20.41 21.14
CA PRO A 158 9.65 20.08 21.54
C PRO A 158 9.64 19.33 22.86
N GLU A 159 8.50 18.71 23.16
CA GLU A 159 8.39 17.79 24.27
C GLU A 159 9.16 16.51 23.92
N PRO A 160 9.63 15.75 24.93
CA PRO A 160 9.56 16.01 26.36
C PRO A 160 10.95 16.32 26.91
N VAL A 161 10.99 16.72 28.17
CA VAL A 161 12.21 16.66 28.96
C VAL A 161 11.96 15.68 30.08
N THR A 162 13.04 15.13 30.63
CA THR A 162 12.92 14.28 31.81
C THR A 162 13.68 14.94 32.93
N VAL A 163 13.18 14.82 34.15
CA VAL A 163 13.88 15.36 35.30
C VAL A 163 13.93 14.30 36.40
N SER A 164 15.11 14.12 37.00
CA SER A 164 15.24 13.32 38.21
C SER A 164 16.04 14.18 39.20
N TRP A 165 16.17 13.71 40.42
CA TRP A 165 16.92 14.36 41.49
C TRP A 165 17.91 13.40 42.14
N ASN A 166 19.17 13.81 42.24
CA ASN A 166 20.24 12.98 42.79
C ASN A 166 20.37 11.64 42.11
N SER A 167 20.27 11.70 40.78
CA SER A 167 20.51 10.58 39.87
C SER A 167 19.61 9.39 40.16
N GLY A 168 18.39 9.69 40.59
CA GLY A 168 17.37 8.70 40.91
C GLY A 168 17.34 8.28 42.37
N ALA A 169 18.36 8.68 43.12
CA ALA A 169 18.48 8.35 44.54
C ALA A 169 17.45 9.16 45.33
N LEU A 170 17.01 10.29 44.76
CA LEU A 170 16.03 11.11 45.45
C LEU A 170 14.73 11.11 44.67
N THR A 171 13.79 10.31 45.16
CA THR A 171 12.48 10.21 44.55
C THR A 171 11.35 10.61 45.49
N SER A 172 11.63 10.55 46.78
CA SER A 172 10.62 10.82 47.78
C SER A 172 10.22 12.28 47.85
N GLY A 173 8.93 12.53 47.66
CA GLY A 173 8.42 13.88 47.77
C GLY A 173 8.61 14.72 46.51
N VAL A 174 9.03 14.09 45.42
CA VAL A 174 9.28 14.79 44.16
C VAL A 174 7.98 14.98 43.42
N HIS A 175 7.78 16.16 42.83
CA HIS A 175 6.64 16.41 41.98
C HIS A 175 7.15 17.05 40.69
N THR A 176 7.09 16.35 39.57
CA THR A 176 7.48 16.98 38.30
C THR A 176 6.20 17.22 37.56
N PHE A 177 5.89 18.51 37.36
CA PHE A 177 4.60 18.91 36.85
C PHE A 177 4.56 18.85 35.35
N PRO A 178 3.34 18.74 34.81
CA PRO A 178 3.13 18.77 33.36
C PRO A 178 3.69 20.06 32.78
N ALA A 179 4.29 19.98 31.60
CA ALA A 179 4.78 21.18 30.93
C ALA A 179 3.60 22.02 30.49
N VAL A 180 3.78 23.33 30.41
CA VAL A 180 2.77 24.19 29.85
C VAL A 180 3.32 24.79 28.58
N LEU A 181 2.46 25.07 27.61
CA LEU A 181 2.91 25.67 26.37
C LEU A 181 2.73 27.16 26.44
N GLN A 182 3.85 27.87 26.37
CA GLN A 182 3.77 29.31 26.51
C GLN A 182 3.31 29.89 25.18
N SER A 183 2.92 31.15 25.20
CA SER A 183 2.44 31.83 24.01
C SER A 183 3.59 32.07 23.05
N SER A 184 4.81 31.93 23.57
CA SER A 184 5.99 32.07 22.73
C SER A 184 6.13 30.86 21.79
N GLY A 185 5.41 29.80 22.11
CA GLY A 185 5.48 28.55 21.38
C GLY A 185 6.57 27.66 21.94
N LEU A 186 7.11 28.07 23.08
CA LEU A 186 8.11 27.27 23.77
C LEU A 186 7.46 26.75 25.05
N TYR A 187 7.94 25.61 25.53
CA TYR A 187 7.41 24.96 26.72
C TYR A 187 8.18 25.35 27.97
N SER A 188 7.58 25.09 29.11
CA SER A 188 8.24 25.36 30.38
C SER A 188 7.75 24.33 31.40
N LEU A 189 8.64 23.83 32.29
CA LEU A 189 8.28 22.75 33.19
C LEU A 189 8.92 22.99 34.55
N SER A 190 8.27 22.54 35.62
CA SER A 190 8.84 22.66 36.96
C SER A 190 8.92 21.30 37.62
N SER A 191 9.95 21.09 38.44
CA SER A 191 10.07 19.89 39.24
C SER A 191 10.48 20.33 40.63
N VAL A 192 9.71 19.91 41.63
CA VAL A 192 10.00 20.32 42.99
C VAL A 192 10.13 19.11 43.88
N VAL A 193 10.77 19.32 45.02
CA VAL A 193 10.80 18.34 46.07
C VAL A 193 10.78 19.02 47.44
N THR A 194 9.91 18.57 48.34
CA THR A 194 9.87 19.10 49.71
C THR A 194 10.62 18.16 50.64
N VAL A 195 11.49 18.74 51.45
CA VAL A 195 12.35 18.01 52.34
C VAL A 195 12.33 18.65 53.72
N PRO A 196 12.74 17.89 54.75
CA PRO A 196 12.90 18.50 56.07
C PRO A 196 13.80 19.75 56.01
N SER A 197 13.48 20.83 56.74
CA SER A 197 14.21 22.10 56.55
C SER A 197 15.71 21.98 56.87
N SER A 198 16.04 21.31 57.98
CA SER A 198 17.42 21.18 58.35
C SER A 198 18.15 20.59 57.17
N ASN A 199 17.47 19.72 56.44
CA ASN A 199 18.11 19.03 55.33
C ASN A 199 18.40 20.01 54.23
N PHE A 200 17.51 20.96 53.97
CA PHE A 200 17.85 21.94 52.94
C PHE A 200 19.00 22.73 53.57
N GLY A 201 20.21 22.39 53.10
CA GLY A 201 21.44 23.00 53.60
C GLY A 201 22.52 22.02 54.07
N THR A 202 22.16 20.82 54.53
CA THR A 202 23.18 19.81 54.92
C THR A 202 23.36 18.79 53.79
N GLN A 203 22.26 18.40 53.18
CA GLN A 203 22.24 17.41 52.09
C GLN A 203 22.34 18.09 50.77
N THR A 204 22.57 17.27 49.76
CA THR A 204 22.78 17.78 48.42
C THR A 204 21.59 17.47 47.57
N TYR A 205 21.12 18.50 46.90
CA TYR A 205 19.99 18.35 46.02
C TYR A 205 20.27 18.85 44.59
N THR A 206 20.22 17.92 43.65
CA THR A 206 20.57 18.18 42.25
C THR A 206 19.52 17.63 41.31
N CYS A 207 19.07 18.45 40.39
CA CYS A 207 18.07 18.00 39.45
C CYS A 207 18.77 17.64 38.15
N ASN A 208 18.39 16.50 37.59
CA ASN A 208 19.00 16.04 36.37
C ASN A 208 17.98 16.21 35.27
N VAL A 209 18.27 17.13 34.37
CA VAL A 209 17.36 17.49 33.31
C VAL A 209 17.90 17.00 32.00
N ASP A 210 17.00 16.32 31.30
CA ASP A 210 17.22 15.77 30.00
C ASP A 210 16.24 16.20 28.92
N HIS A 211 16.76 16.68 27.77
CA HIS A 211 15.91 17.02 26.62
C HIS A 211 16.54 16.35 25.40
N LYS A 212 16.10 15.14 25.07
CA LYS A 212 16.79 14.38 24.02
C LYS A 212 16.76 15.04 22.64
N PRO A 213 15.61 15.58 22.24
CA PRO A 213 15.49 16.23 20.92
C PRO A 213 16.63 17.19 20.65
N SER A 214 17.10 17.92 21.65
CA SER A 214 18.21 18.86 21.42
C SER A 214 19.54 18.35 21.97
N ASN A 215 19.52 17.10 22.42
CA ASN A 215 20.66 16.46 23.05
C ASN A 215 21.18 17.35 24.18
N THR A 216 20.26 17.70 25.08
CA THR A 216 20.58 18.55 26.23
C THR A 216 20.44 17.79 27.53
N LYS A 217 21.58 17.72 28.18
CA LYS A 217 21.79 17.24 29.56
C LYS A 217 22.25 18.37 30.44
N VAL A 218 21.46 18.58 31.48
CA VAL A 218 21.76 19.57 32.50
C VAL A 218 21.56 19.01 33.91
N ASP A 219 22.54 19.25 34.77
CA ASP A 219 22.46 18.98 36.22
C ASP A 219 22.51 20.31 36.94
N LYS A 220 21.55 20.57 37.82
CA LYS A 220 21.59 21.86 38.47
C LYS A 220 21.55 21.63 39.99
N THR A 221 22.56 22.04 40.78
CA THR A 221 22.43 21.87 42.23
C THR A 221 21.75 23.14 42.76
N VAL A 222 20.69 23.00 43.56
CA VAL A 222 19.98 24.17 44.04
C VAL A 222 20.29 24.56 45.47
N GLU A 223 20.76 25.79 45.70
CA GLU A 223 21.06 26.21 47.05
C GLU A 223 20.26 27.47 47.37
N ASP B 1 -23.92 10.93 12.64
CA ASP B 1 -22.99 10.30 13.61
C ASP B 1 -23.69 9.96 14.90
N ILE B 2 -23.49 8.75 15.40
CA ILE B 2 -24.07 8.39 16.69
C ILE B 2 -23.38 9.19 17.79
N VAL B 3 -24.18 9.80 18.66
CA VAL B 3 -23.67 10.61 19.76
C VAL B 3 -23.62 9.80 21.02
N MET B 4 -22.46 9.78 21.65
CA MET B 4 -22.30 9.06 22.88
C MET B 4 -22.13 10.05 24.01
N THR B 5 -23.02 9.96 25.02
CA THR B 5 -23.03 10.89 26.14
C THR B 5 -22.83 10.15 27.45
N GLN B 6 -21.76 10.47 28.16
CA GLN B 6 -21.49 9.88 29.45
C GLN B 6 -21.89 10.83 30.54
N THR B 7 -22.47 10.27 31.60
CA THR B 7 -22.82 11.06 32.78
CA THR B 7 -22.80 11.06 32.77
C THR B 7 -22.54 10.22 34.02
N PRO B 8 -21.81 10.80 35.00
CA PRO B 8 -21.19 12.12 34.98
C PRO B 8 -19.85 12.06 34.25
N LEU B 9 -19.15 13.19 34.19
CA LEU B 9 -17.83 13.23 33.56
C LEU B 9 -16.72 13.30 34.60
N SER B 10 -17.12 13.29 35.86
CA SER B 10 -16.18 13.27 36.98
C SER B 10 -16.76 12.51 38.16
N LEU B 11 -15.98 11.55 38.64
CA LEU B 11 -16.27 10.71 39.82
C LEU B 11 -15.18 10.71 40.84
N SER B 12 -15.62 10.98 42.06
CA SER B 12 -14.75 10.94 43.22
C SER B 12 -15.22 9.82 44.15
N VAL B 13 -14.42 8.77 44.24
CA VAL B 13 -14.82 7.54 44.91
C VAL B 13 -14.03 7.14 46.13
N THR B 14 -14.72 6.96 47.25
CA THR B 14 -14.05 6.50 48.47
C THR B 14 -13.57 5.08 48.30
N PRO B 15 -12.31 4.84 48.69
CA PRO B 15 -11.76 3.50 48.60
C PRO B 15 -12.73 2.47 49.11
N GLY B 16 -13.10 1.50 48.27
CA GLY B 16 -14.03 0.49 48.71
C GLY B 16 -15.43 0.66 48.17
N GLN B 17 -15.79 1.92 47.93
CA GLN B 17 -17.13 2.27 47.49
C GLN B 17 -17.32 1.97 46.05
N PRO B 18 -18.59 1.75 45.68
CA PRO B 18 -18.92 1.46 44.28
C PRO B 18 -19.04 2.69 43.43
N ALA B 19 -18.75 2.51 42.15
CA ALA B 19 -18.84 3.59 41.20
C ALA B 19 -19.70 3.15 40.02
N SER B 20 -20.41 4.09 39.42
CA SER B 20 -21.29 3.76 38.31
C SER B 20 -21.20 4.85 37.25
N ILE B 21 -21.08 4.43 35.98
CA ILE B 21 -20.99 5.37 34.87
C ILE B 21 -22.05 5.06 33.85
N SER B 22 -22.83 6.06 33.49
CA SER B 22 -23.86 5.89 32.47
C SER B 22 -23.37 6.31 31.09
N CYS B 23 -23.71 5.51 30.07
CA CYS B 23 -23.37 5.80 28.69
C CYS B 23 -24.59 5.58 27.85
N LYS B 24 -25.05 6.65 27.21
CA LYS B 24 -26.22 6.61 26.35
C LYS B 24 -25.83 7.01 24.94
N SER B 25 -26.34 6.25 23.97
CA SER B 25 -26.13 6.52 22.57
C SER B 25 -27.41 7.16 22.03
N SER B 26 -27.29 8.01 21.03
CA SER B 26 -28.48 8.59 20.46
C SER B 26 -29.32 7.57 19.70
N GLN B 27 -28.79 6.39 19.41
CA GLN B 27 -29.57 5.34 18.72
C GLN B 27 -28.99 4.00 19.23
N SER B 28 -29.84 2.99 19.19
CA SER B 28 -29.51 1.62 19.51
C SER B 28 -28.26 1.01 18.86
N LEU B 29 -27.56 0.19 19.65
CA LEU B 29 -26.29 -0.39 19.26
C LEU B 29 -26.39 -1.89 18.94
N LEU B 30 -27.62 -2.41 18.93
CA LEU B 30 -27.91 -3.79 18.57
C LEU B 30 -27.92 -3.94 17.05
N HIS B 31 -27.18 -4.92 16.56
CA HIS B 31 -27.04 -5.09 15.12
C HIS B 31 -28.01 -6.15 14.65
N THR B 32 -28.23 -6.27 13.34
CA THR B 32 -29.19 -7.26 12.82
C THR B 32 -28.72 -8.70 13.10
N ASP B 33 -27.41 -8.87 13.28
CA ASP B 33 -26.82 -10.15 13.61
C ASP B 33 -26.89 -10.51 15.11
N GLY B 34 -27.52 -9.66 15.92
CA GLY B 34 -27.78 -9.93 17.33
C GLY B 34 -26.80 -9.33 18.33
N THR B 35 -25.64 -8.89 17.86
CA THR B 35 -24.63 -8.30 18.74
C THR B 35 -24.92 -6.82 19.00
N THR B 36 -24.70 -6.41 20.26
CA THR B 36 -24.77 -5.02 20.69
C THR B 36 -23.36 -4.47 20.81
N TYR B 37 -22.95 -3.62 19.87
CA TYR B 37 -21.57 -3.17 19.81
C TYR B 37 -21.24 -1.97 20.72
N LEU B 38 -21.25 -2.16 22.04
CA LEU B 38 -20.88 -1.11 22.98
C LEU B 38 -19.63 -1.57 23.71
N TYR B 39 -18.62 -0.70 23.75
CA TYR B 39 -17.32 -1.06 24.28
C TYR B 39 -16.85 -0.05 25.32
N TRP B 40 -16.12 -0.53 26.34
CA TRP B 40 -15.54 0.37 27.33
C TRP B 40 -14.01 0.30 27.27
N TYR B 41 -13.38 1.48 27.31
CA TYR B 41 -11.93 1.59 27.31
C TYR B 41 -11.48 2.39 28.52
N LEU B 42 -10.30 2.11 29.05
CA LEU B 42 -9.78 2.92 30.15
C LEU B 42 -8.44 3.50 29.71
N GLN B 43 -8.25 4.79 29.90
CA GLN B 43 -6.93 5.39 29.69
C GLN B 43 -6.40 5.91 31.01
N LYS B 44 -5.41 5.21 31.56
CA LYS B 44 -4.76 5.61 32.81
C LYS B 44 -3.77 6.73 32.58
N PRO B 45 -3.46 7.46 33.66
CA PRO B 45 -2.60 8.62 33.47
C PRO B 45 -1.30 8.31 32.76
N GLY B 46 -1.03 9.02 31.67
CA GLY B 46 0.23 8.91 30.97
C GLY B 46 0.41 7.65 30.14
N GLN B 47 -0.64 6.84 30.01
CA GLN B 47 -0.56 5.58 29.31
C GLN B 47 -1.52 5.54 28.11
N PRO B 48 -1.26 4.67 27.14
CA PRO B 48 -2.20 4.46 26.03
C PRO B 48 -3.52 3.84 26.50
N PRO B 49 -4.58 4.03 25.69
CA PRO B 49 -5.88 3.40 25.97
C PRO B 49 -5.79 1.90 25.97
N GLN B 50 -6.66 1.30 26.78
CA GLN B 50 -6.75 -0.14 26.89
C GLN B 50 -8.21 -0.59 26.86
N LEU B 51 -8.45 -1.77 26.28
CA LEU B 51 -9.79 -2.34 26.23
C LEU B 51 -10.24 -2.80 27.62
N LEU B 52 -11.43 -2.42 28.04
CA LEU B 52 -11.84 -2.81 29.37
C LEU B 52 -12.98 -3.83 29.24
N ILE B 53 -14.03 -3.50 28.50
CA ILE B 53 -15.22 -4.36 28.32
C ILE B 53 -15.53 -4.43 26.82
N TYR B 54 -15.88 -5.62 26.31
CA TYR B 54 -16.31 -5.74 24.90
C TYR B 54 -17.72 -6.36 24.84
N GLU B 55 -18.50 -5.92 23.84
CA GLU B 55 -19.88 -6.35 23.66
C GLU B 55 -20.70 -6.24 24.95
N VAL B 56 -20.72 -5.05 25.53
CA VAL B 56 -21.61 -4.68 26.63
C VAL B 56 -21.15 -5.23 27.96
N SER B 57 -20.82 -6.52 28.02
CA SER B 57 -20.64 -7.15 29.33
C SER B 57 -19.50 -8.15 29.45
N ASN B 58 -18.72 -8.34 28.38
CA ASN B 58 -17.56 -9.20 28.43
C ASN B 58 -16.31 -8.42 28.77
N ARG B 59 -15.74 -8.80 29.89
CA ARG B 59 -14.50 -8.25 30.40
C ARG B 59 -13.31 -8.77 29.60
N PHE B 60 -12.43 -7.86 29.18
CA PHE B 60 -11.22 -8.27 28.49
C PHE B 60 -10.25 -8.96 29.43
N SER B 61 -9.38 -9.77 28.84
CA SER B 61 -8.46 -10.56 29.62
C SER B 61 -7.72 -9.68 30.61
N GLY B 62 -7.75 -10.07 31.88
CA GLY B 62 -7.02 -9.34 32.89
C GLY B 62 -7.88 -8.33 33.61
N VAL B 63 -9.16 -8.20 33.21
CA VAL B 63 -10.04 -7.25 33.86
C VAL B 63 -10.75 -7.90 35.03
N PRO B 64 -10.58 -7.34 36.24
CA PRO B 64 -11.18 -7.93 37.44
C PRO B 64 -12.69 -7.98 37.37
N ASP B 65 -13.30 -8.88 38.12
CA ASP B 65 -14.74 -9.04 38.09
C ASP B 65 -15.35 -7.87 38.88
N ARG B 66 -14.53 -7.00 39.45
CA ARG B 66 -15.13 -5.87 40.18
C ARG B 66 -15.60 -4.83 39.16
N PHE B 67 -15.15 -4.94 37.91
CA PHE B 67 -15.70 -4.18 36.79
C PHE B 67 -16.82 -5.02 36.15
N SER B 68 -17.96 -4.40 35.88
CA SER B 68 -19.08 -5.13 35.28
C SER B 68 -19.82 -4.23 34.31
N GLY B 69 -19.96 -4.68 33.07
CA GLY B 69 -20.64 -3.89 32.08
C GLY B 69 -22.01 -4.47 31.83
N SER B 70 -22.96 -3.58 31.56
CA SER B 70 -24.32 -4.00 31.30
C SER B 70 -25.03 -3.00 30.41
N GLY B 71 -26.25 -3.34 30.00
CA GLY B 71 -27.07 -2.45 29.24
C GLY B 71 -27.58 -3.11 27.98
N SER B 72 -28.44 -2.38 27.28
CA SER B 72 -29.03 -2.83 26.02
C SER B 72 -29.65 -1.62 25.32
N GLY B 73 -29.67 -1.66 23.99
CA GLY B 73 -30.27 -0.61 23.17
C GLY B 73 -29.51 0.71 23.15
N THR B 74 -29.96 1.73 23.89
CA THR B 74 -29.25 3.00 23.89
C THR B 74 -28.73 3.40 25.27
N ASP B 75 -29.04 2.64 26.30
CA ASP B 75 -28.62 3.02 27.65
C ASP B 75 -27.74 1.93 28.24
N PHE B 76 -26.56 2.34 28.67
CA PHE B 76 -25.58 1.41 29.19
C PHE B 76 -24.95 1.93 30.48
N THR B 77 -24.46 0.99 31.28
CA THR B 77 -23.79 1.30 32.55
C THR B 77 -22.55 0.44 32.78
N LEU B 78 -21.47 1.11 33.18
CA LEU B 78 -20.28 0.46 33.71
C LEU B 78 -20.28 0.67 35.21
N LYS B 79 -20.21 -0.41 35.96
CA LYS B 79 -20.12 -0.34 37.43
C LYS B 79 -18.75 -0.82 37.89
N ILE B 80 -18.23 -0.22 38.95
CA ILE B 80 -17.00 -0.70 39.59
C ILE B 80 -17.26 -0.85 41.09
N SER B 81 -17.37 -2.10 41.54
CA SER B 81 -17.80 -2.43 42.89
C SER B 81 -16.83 -1.80 43.90
N ARG B 82 -15.58 -1.64 43.49
CA ARG B 82 -14.59 -0.95 44.31
C ARG B 82 -13.60 -0.17 43.43
N VAL B 83 -13.12 0.99 43.89
CA VAL B 83 -12.15 1.73 43.06
C VAL B 83 -10.79 1.73 43.75
N GLU B 84 -9.82 0.99 43.21
CA GLU B 84 -8.50 0.99 43.81
C GLU B 84 -7.73 2.15 43.21
N ALA B 85 -6.57 2.49 43.77
CA ALA B 85 -5.79 3.57 43.18
C ALA B 85 -5.38 3.28 41.73
N GLU B 86 -5.20 2.01 41.40
CA GLU B 86 -4.79 1.61 40.04
C GLU B 86 -5.92 1.84 39.05
N ASP B 87 -7.15 1.95 39.53
CA ASP B 87 -8.32 2.12 38.66
C ASP B 87 -8.52 3.57 38.21
N VAL B 88 -7.81 4.52 38.80
CA VAL B 88 -8.03 5.92 38.44
C VAL B 88 -7.53 6.22 37.02
N GLY B 89 -8.27 7.04 36.31
CA GLY B 89 -7.96 7.40 34.93
C GLY B 89 -9.22 7.85 34.23
N ILE B 90 -9.24 7.81 32.91
CA ILE B 90 -10.43 8.24 32.16
C ILE B 90 -11.03 7.06 31.42
N TYR B 91 -12.32 6.82 31.70
CA TYR B 91 -13.07 5.74 31.09
C TYR B 91 -13.91 6.26 29.94
N TYR B 92 -13.79 5.58 28.80
CA TYR B 92 -14.55 5.93 27.61
C TYR B 92 -15.50 4.81 27.17
N CYS B 93 -16.74 5.14 26.83
CA CYS B 93 -17.56 4.19 26.05
C CYS B 93 -17.39 4.49 24.55
N MET B 94 -17.72 3.51 23.72
CA MET B 94 -17.63 3.66 22.27
C MET B 94 -18.55 2.66 21.56
N GLN B 95 -19.22 3.15 20.51
CA GLN B 95 -20.09 2.33 19.67
C GLN B 95 -19.28 1.86 18.48
N ASN B 96 -19.48 0.61 18.12
CA ASN B 96 -18.79 -0.01 17.01
C ASN B 96 -19.78 -0.56 15.99
N ILE B 97 -20.96 0.05 15.89
CA ILE B 97 -21.99 -0.51 15.02
C ILE B 97 -22.11 0.25 13.71
N GLN B 98 -21.85 1.55 13.74
CA GLN B 98 -22.00 2.34 12.53
C GLN B 98 -20.93 3.44 12.44
N LEU B 99 -20.14 3.38 11.37
CA LEU B 99 -19.11 4.37 11.08
C LEU B 99 -19.72 5.76 10.99
N PRO B 100 -18.98 6.77 11.51
CA PRO B 100 -17.68 6.65 12.16
C PRO B 100 -17.77 6.22 13.60
N TRP B 101 -16.82 5.44 14.10
CA TRP B 101 -16.84 5.10 15.50
C TRP B 101 -16.75 6.39 16.30
N THR B 102 -17.50 6.47 17.39
CA THR B 102 -17.53 7.63 18.26
C THR B 102 -17.43 7.17 19.69
N PHE B 103 -16.66 7.94 20.47
CA PHE B 103 -16.44 7.72 21.90
C PHE B 103 -17.24 8.68 22.73
N GLY B 104 -17.41 8.37 24.01
CA GLY B 104 -17.94 9.37 24.92
C GLY B 104 -16.85 10.36 25.25
N GLN B 105 -17.20 11.38 26.02
CA GLN B 105 -16.25 12.43 26.37
C GLN B 105 -15.16 11.85 27.25
N GLY B 106 -15.48 10.74 27.93
CA GLY B 106 -14.56 10.19 28.91
C GLY B 106 -14.92 10.67 30.31
N THR B 107 -15.10 9.72 31.24
CA THR B 107 -15.42 10.04 32.64
C THR B 107 -14.15 9.88 33.45
N LYS B 108 -13.82 10.92 34.19
CA LYS B 108 -12.59 10.88 34.95
C LYS B 108 -12.86 10.31 36.34
N VAL B 109 -12.10 9.26 36.68
CA VAL B 109 -12.24 8.62 37.98
C VAL B 109 -11.05 8.94 38.84
N GLU B 110 -11.32 9.31 40.08
CA GLU B 110 -10.30 9.72 41.01
C GLU B 110 -10.69 9.16 42.38
N ILE B 111 -9.73 9.04 43.29
CA ILE B 111 -10.01 8.60 44.65
C ILE B 111 -10.48 9.79 45.50
N LYS B 112 -11.52 9.57 46.30
CA LYS B 112 -12.03 10.60 47.20
C LYS B 112 -11.43 10.39 48.57
N ARG B 113 -10.69 11.38 49.07
CA ARG B 113 -10.13 11.29 50.41
C ARG B 113 -10.61 12.45 51.26
N THR B 114 -10.15 12.49 52.50
CA THR B 114 -10.48 13.60 53.37
C THR B 114 -9.82 14.86 52.84
N VAL B 115 -10.48 15.99 53.05
CA VAL B 115 -9.98 17.27 52.57
C VAL B 115 -8.61 17.50 53.17
N ALA B 116 -7.69 18.00 52.36
CA ALA B 116 -6.35 18.30 52.83
C ALA B 116 -5.91 19.63 52.25
N ALA B 117 -5.61 20.55 53.15
CA ALA B 117 -5.15 21.88 52.79
C ALA B 117 -3.77 21.82 52.19
N PRO B 118 -3.48 22.73 51.24
CA PRO B 118 -2.16 22.85 50.60
C PRO B 118 -1.08 23.56 51.42
N SER B 119 0.14 23.06 51.32
CA SER B 119 1.30 23.79 51.81
C SER B 119 1.70 24.73 50.69
N VAL B 120 1.77 26.04 50.97
CA VAL B 120 1.99 26.98 49.88
C VAL B 120 3.43 27.48 49.91
N PHE B 121 4.08 27.53 48.75
CA PHE B 121 5.45 28.06 48.66
C PHE B 121 5.54 29.03 47.49
N ILE B 122 6.41 30.02 47.61
CA ILE B 122 6.67 30.96 46.51
C ILE B 122 8.17 31.07 46.24
N PHE B 123 8.52 31.16 44.96
CA PHE B 123 9.91 31.21 44.52
C PHE B 123 10.18 32.46 43.67
N PRO B 124 11.14 33.28 44.10
CA PRO B 124 11.58 34.42 43.29
C PRO B 124 12.30 33.98 42.03
N PRO B 125 12.43 34.87 41.05
CA PRO B 125 13.24 34.54 39.87
C PRO B 125 14.71 34.41 40.28
N SER B 126 15.49 33.62 39.55
CA SER B 126 16.91 33.48 39.85
C SER B 126 17.67 34.62 39.18
N ASP B 127 18.78 35.02 39.79
CA ASP B 127 19.67 36.00 39.20
C ASP B 127 20.02 35.53 37.78
N GLU B 128 20.32 34.25 37.65
N GLU B 128 20.31 34.25 37.63
CA GLU B 128 20.70 33.66 36.36
CA GLU B 128 20.72 33.73 36.34
C GLU B 128 19.68 33.98 35.28
C GLU B 128 19.67 34.04 35.29
N GLN B 129 18.40 33.78 35.60
CA GLN B 129 17.35 34.06 34.64
C GLN B 129 17.21 35.55 34.39
N LEU B 130 17.33 36.38 35.43
CA LEU B 130 17.19 37.81 35.22
C LEU B 130 18.22 38.36 34.21
N LYS B 131 19.42 37.80 34.15
CA LYS B 131 20.40 38.23 33.14
C LYS B 131 19.81 38.04 31.77
N SER B 132 18.97 37.04 31.68
CA SER B 132 18.30 36.68 30.44
C SER B 132 17.21 37.66 29.97
N GLY B 133 16.81 38.59 30.85
CA GLY B 133 15.82 39.62 30.54
C GLY B 133 14.37 39.18 30.75
N THR B 134 14.19 38.17 31.60
CA THR B 134 12.86 37.66 31.94
C THR B 134 12.83 37.24 33.40
N ALA B 135 11.64 37.29 34.00
CA ALA B 135 11.47 36.94 35.40
C ALA B 135 10.25 36.05 35.57
N SER B 136 10.44 34.88 36.18
CA SER B 136 9.34 33.98 36.47
C SER B 136 9.17 33.81 37.96
N VAL B 137 7.95 33.97 38.48
CA VAL B 137 7.75 33.72 39.91
C VAL B 137 6.91 32.45 39.99
N VAL B 138 7.27 31.55 40.89
CA VAL B 138 6.57 30.27 40.94
C VAL B 138 5.93 30.06 42.31
N CYS B 139 4.66 29.64 42.32
CA CYS B 139 3.95 29.35 43.55
C CYS B 139 3.52 27.89 43.56
N LEU B 140 3.91 27.20 44.62
CA LEU B 140 3.65 25.77 44.77
C LEU B 140 2.63 25.49 45.87
N LEU B 141 1.56 24.79 45.49
CA LEU B 141 0.56 24.29 46.43
C LEU B 141 0.81 22.81 46.51
N ASN B 142 1.28 22.34 47.66
CA ASN B 142 1.80 20.98 47.73
C ASN B 142 0.86 20.04 48.51
N ASN B 143 0.52 18.90 47.91
CA ASN B 143 -0.23 17.83 48.56
C ASN B 143 -1.54 18.26 49.23
N PHE B 144 -2.48 18.68 48.40
CA PHE B 144 -3.82 19.08 48.87
C PHE B 144 -4.93 18.22 48.25
N TYR B 145 -6.10 18.22 48.87
CA TYR B 145 -7.28 17.57 48.30
C TYR B 145 -8.55 18.30 48.73
N PRO B 146 -9.51 18.49 47.79
CA PRO B 146 -9.50 18.03 46.38
C PRO B 146 -8.63 18.92 45.48
N ARG B 147 -8.60 18.62 44.17
CA ARG B 147 -7.69 19.35 43.27
C ARG B 147 -8.19 20.78 43.10
N GLU B 148 -9.47 21.05 43.32
CA GLU B 148 -9.93 22.40 43.11
C GLU B 148 -9.35 23.37 44.12
N ALA B 149 -8.50 24.22 43.57
CA ALA B 149 -7.84 25.29 44.28
C ALA B 149 -7.73 26.46 43.34
N LYS B 150 -7.58 27.63 43.93
CA LYS B 150 -7.41 28.87 43.19
C LYS B 150 -6.14 29.61 43.61
N VAL B 151 -5.30 29.89 42.60
CA VAL B 151 -4.07 30.65 42.74
C VAL B 151 -4.24 31.97 42.04
N GLN B 152 -4.09 33.01 42.84
CA GLN B 152 -4.20 34.35 42.40
C GLN B 152 -2.86 35.04 42.56
N TRP B 153 -2.36 35.66 41.50
CA TRP B 153 -1.10 36.40 41.59
C TRP B 153 -1.29 37.87 41.90
N LYS B 154 -0.58 38.41 42.89
CA LYS B 154 -0.62 39.86 43.09
C LYS B 154 0.75 40.48 43.02
N VAL B 155 0.88 41.52 42.20
CA VAL B 155 2.09 42.32 42.15
C VAL B 155 1.76 43.71 42.72
N ASP B 156 2.42 44.08 43.83
CA ASP B 156 2.07 45.32 44.52
C ASP B 156 0.56 45.44 44.69
N ASN B 157 -0.05 44.35 45.12
CA ASN B 157 -1.47 44.28 45.46
C ASN B 157 -2.46 44.23 44.29
N ALA B 158 -1.95 44.43 43.09
CA ALA B 158 -2.73 44.38 41.86
C ALA B 158 -2.89 42.96 41.28
N LEU B 159 -4.12 42.46 41.17
CA LEU B 159 -4.34 41.16 40.55
C LEU B 159 -3.75 41.08 39.14
N GLN B 160 -3.08 39.97 38.86
CA GLN B 160 -2.47 39.76 37.55
C GLN B 160 -3.39 38.89 36.72
N SER B 161 -3.35 39.10 35.42
CA SER B 161 -4.13 38.29 34.51
C SER B 161 -3.46 38.17 33.12
N GLY B 162 -3.49 36.95 32.57
CA GLY B 162 -2.99 36.69 31.22
C GLY B 162 -1.51 36.45 31.09
N ASN B 163 -0.78 36.57 32.19
CA ASN B 163 0.68 36.35 32.20
C ASN B 163 1.05 35.28 33.22
N SER B 164 0.12 34.38 33.51
CA SER B 164 0.37 33.27 34.43
C SER B 164 -0.23 32.01 33.83
N GLN B 165 0.42 30.90 34.13
CA GLN B 165 0.03 29.57 33.69
C GLN B 165 0.21 28.55 34.82
N GLU B 166 -0.56 27.46 34.83
CA GLU B 166 -0.42 26.47 35.89
C GLU B 166 -0.64 25.09 35.34
N SER B 167 -0.20 24.11 36.10
CA SER B 167 -0.47 22.74 35.76
C SER B 167 -0.58 21.96 37.06
N VAL B 168 -1.31 20.85 37.02
CA VAL B 168 -1.56 20.03 38.20
C VAL B 168 -1.03 18.63 37.97
N THR B 169 -0.46 18.01 39.00
CA THR B 169 -0.01 16.63 38.89
C THR B 169 -1.19 15.64 38.84
N GLU B 170 -0.85 14.40 38.51
CA GLU B 170 -1.79 13.29 38.61
C GLU B 170 -1.99 12.96 40.10
N GLN B 171 -3.12 12.37 40.44
CA GLN B 171 -3.38 12.03 41.84
C GLN B 171 -2.34 11.08 42.42
N ASP B 172 -1.79 11.43 43.58
CA ASP B 172 -0.83 10.56 44.23
C ASP B 172 -1.57 9.29 44.68
N SER B 173 -1.04 8.10 44.35
CA SER B 173 -1.66 6.83 44.73
CA SER B 173 -1.66 6.84 44.73
C SER B 173 -1.57 6.54 46.22
N LYS B 174 -0.52 7.03 46.87
CA LYS B 174 -0.42 6.87 48.33
C LYS B 174 -1.35 7.73 49.19
N ASP B 175 -1.29 9.04 49.04
CA ASP B 175 -2.06 9.91 49.92
C ASP B 175 -3.26 10.54 49.21
N SER B 176 -3.41 10.27 47.92
CA SER B 176 -4.57 10.69 47.12
C SER B 176 -4.69 12.20 46.98
N THR B 177 -3.56 12.89 47.10
CA THR B 177 -3.53 14.33 46.98
C THR B 177 -3.00 14.76 45.63
N TYR B 178 -3.07 16.07 45.42
CA TYR B 178 -2.53 16.75 44.25
C TYR B 178 -1.53 17.83 44.64
N SER B 179 -0.70 18.20 43.68
CA SER B 179 0.14 19.38 43.81
C SER B 179 -0.08 20.25 42.57
N LEU B 180 0.06 21.56 42.73
CA LEU B 180 -0.19 22.50 41.65
C LEU B 180 0.98 23.46 41.57
N SER B 181 1.39 23.77 40.35
CA SER B 181 2.44 24.74 40.11
C SER B 181 1.94 25.89 39.25
N SER B 182 2.12 27.13 39.71
CA SER B 182 1.70 28.28 38.94
C SER B 182 2.89 29.19 38.67
N THR B 183 3.05 29.62 37.43
CA THR B 183 4.15 30.49 37.02
C THR B 183 3.66 31.84 36.48
N LEU B 184 4.10 32.92 37.14
CA LEU B 184 3.84 34.27 36.67
C LEU B 184 5.08 34.71 35.91
N THR B 185 4.93 35.27 34.73
CA THR B 185 6.12 35.63 33.96
C THR B 185 6.10 37.11 33.58
N LEU B 186 7.16 37.85 33.90
CA LEU B 186 7.25 39.27 33.57
C LEU B 186 8.59 39.53 32.91
N SER B 187 8.64 40.48 32.00
CA SER B 187 9.93 40.90 31.45
C SER B 187 10.74 41.41 32.60
N LYS B 188 12.05 41.42 32.44
CA LYS B 188 12.92 41.89 33.50
C LYS B 188 12.50 43.34 33.77
N ALA B 189 12.17 44.10 32.74
CA ALA B 189 11.78 45.48 32.95
C ALA B 189 10.54 45.67 33.82
N ASP B 190 9.50 44.90 33.56
CA ASP B 190 8.27 45.03 34.32
C ASP B 190 8.48 44.55 35.73
N TYR B 191 9.31 43.52 35.87
CA TYR B 191 9.58 42.94 37.18
C TYR B 191 10.20 44.00 38.08
N GLU B 192 11.05 44.82 37.50
CA GLU B 192 11.83 45.80 38.23
C GLU B 192 11.05 47.05 38.66
N LYS B 193 9.85 47.21 38.12
CA LYS B 193 8.97 48.30 38.49
C LYS B 193 8.28 48.12 39.86
N HIS B 194 8.01 46.86 40.26
CA HIS B 194 7.27 46.58 41.51
C HIS B 194 8.07 45.82 42.59
N LYS B 195 7.69 46.01 43.85
CA LYS B 195 8.36 45.37 44.99
C LYS B 195 7.70 44.11 45.50
N VAL B 196 6.39 44.12 45.74
CA VAL B 196 5.79 42.96 46.41
C VAL B 196 5.18 41.97 45.45
N TYR B 197 5.65 40.74 45.54
CA TYR B 197 5.11 39.65 44.73
C TYR B 197 4.48 38.61 45.63
N ALA B 198 3.20 38.33 45.40
CA ALA B 198 2.47 37.43 46.28
C ALA B 198 1.63 36.49 45.49
N CYS B 199 1.46 35.30 46.03
CA CYS B 199 0.59 34.29 45.47
CA CYS B 199 0.55 34.34 45.44
C CYS B 199 -0.50 34.05 46.49
N GLU B 200 -1.75 34.18 46.07
CA GLU B 200 -2.88 33.99 46.97
C GLU B 200 -3.65 32.72 46.66
N VAL B 201 -3.79 31.89 47.69
CA VAL B 201 -4.35 30.58 47.49
C VAL B 201 -5.69 30.42 48.21
N THR B 202 -6.69 29.91 47.49
CA THR B 202 -8.00 29.68 48.08
C THR B 202 -8.31 28.21 47.99
N HIS B 203 -8.60 27.56 49.11
CA HIS B 203 -8.86 26.12 49.09
C HIS B 203 -9.86 25.71 50.16
N GLN B 204 -10.56 24.61 49.89
CA GLN B 204 -11.60 24.14 50.79
C GLN B 204 -11.03 23.86 52.18
N GLY B 205 -9.76 23.48 52.22
CA GLY B 205 -9.05 23.12 53.44
C GLY B 205 -8.52 24.29 54.25
N LEU B 206 -8.49 25.48 53.66
CA LEU B 206 -8.06 26.67 54.35
C LEU B 206 -9.26 27.46 54.86
N SER B 207 -9.24 27.82 56.14
CA SER B 207 -10.33 28.62 56.71
C SER B 207 -10.44 29.97 56.04
N SER B 208 -9.30 30.58 55.72
CA SER B 208 -9.26 31.84 54.98
C SER B 208 -8.09 31.72 53.99
N PRO B 209 -8.09 32.54 52.92
CA PRO B 209 -7.03 32.35 51.92
C PRO B 209 -5.62 32.55 52.48
N VAL B 210 -4.67 31.82 51.90
CA VAL B 210 -3.29 31.86 52.35
C VAL B 210 -2.41 32.59 51.33
N THR B 211 -1.67 33.59 51.79
CA THR B 211 -0.77 34.35 50.93
C THR B 211 0.70 34.11 51.27
N LYS B 212 1.47 33.87 50.21
CA LYS B 212 2.93 33.81 50.31
C LYS B 212 3.51 34.88 49.40
N SER B 213 4.52 35.58 49.90
CA SER B 213 5.09 36.69 49.16
C SER B 213 6.51 36.95 49.52
N PHE B 214 7.14 37.75 48.67
CA PHE B 214 8.46 38.30 48.94
C PHE B 214 8.55 39.72 48.36
N ASN B 215 9.54 40.48 48.82
CA ASN B 215 9.85 41.81 48.29
C ASN B 215 11.09 41.72 47.46
N ARG B 216 10.95 42.17 46.22
CA ARG B 216 12.05 42.17 45.30
C ARG B 216 13.21 43.03 45.71
N GLY B 217 14.33 42.38 45.97
CA GLY B 217 15.51 43.02 46.48
C GLY B 217 15.38 43.06 47.99
N GLU B 218 14.41 42.32 48.53
CA GLU B 218 14.17 42.25 49.95
C GLU B 218 14.28 43.67 50.51
N VAL C 1 -26.00 -14.05 14.78
CA VAL C 1 -24.77 -14.77 14.38
C VAL C 1 -23.80 -13.84 13.65
N LYS C 2 -22.51 -14.00 13.96
CA LYS C 2 -21.49 -13.14 13.39
C LYS C 2 -21.39 -13.34 11.89
N PRO C 3 -20.84 -12.34 11.18
CA PRO C 3 -20.85 -12.31 9.72
C PRO C 3 -20.05 -13.44 9.07
N LEU C 4 -18.87 -13.74 9.59
CA LEU C 4 -18.00 -14.71 8.95
C LEU C 4 -18.22 -16.11 9.57
N GLN C 5 -18.56 -17.08 8.72
CA GLN C 5 -18.85 -18.43 9.17
C GLN C 5 -18.13 -19.43 8.25
N VAL C 6 -17.59 -20.50 8.83
CA VAL C 6 -16.85 -21.49 8.03
C VAL C 6 -17.50 -22.83 8.26
N GLU C 7 -17.53 -23.66 7.21
CA GLU C 7 -18.05 -24.99 7.38
C GLU C 7 -17.00 -26.02 6.87
N PRO C 8 -16.65 -27.02 7.69
CA PRO C 8 -17.14 -27.22 9.05
C PRO C 8 -16.53 -26.18 9.99
N PRO C 9 -17.24 -25.85 11.07
CA PRO C 9 -16.88 -24.78 12.00
C PRO C 9 -15.85 -25.12 13.08
N GLU C 10 -15.55 -26.40 13.25
CA GLU C 10 -14.70 -26.83 14.38
C GLU C 10 -13.32 -26.20 14.27
N PRO C 11 -12.72 -25.87 15.42
CA PRO C 11 -11.41 -25.23 15.31
C PRO C 11 -10.33 -26.16 14.79
N VAL C 12 -10.44 -27.48 14.94
CA VAL C 12 -9.49 -28.35 14.28
C VAL C 12 -10.17 -29.59 13.75
N VAL C 13 -9.68 -29.88 12.56
CA VAL C 13 -10.24 -30.78 11.61
C VAL C 13 -9.19 -31.81 11.14
N ALA C 14 -9.63 -33.05 10.92
CA ALA C 14 -8.71 -34.13 10.56
C ALA C 14 -8.97 -34.63 9.15
N VAL C 15 -7.89 -35.07 8.50
CA VAL C 15 -7.97 -35.69 7.17
C VAL C 15 -6.94 -36.81 6.98
N ALA C 16 -7.33 -37.88 6.30
CA ALA C 16 -6.44 -39.00 6.05
C ALA C 16 -5.39 -38.66 4.98
N LEU C 17 -4.20 -39.24 5.14
CA LEU C 17 -3.12 -39.06 4.19
C LEU C 17 -3.58 -39.46 2.81
N GLY C 18 -3.28 -38.62 1.83
CA GLY C 18 -3.68 -38.89 0.47
C GLY C 18 -5.13 -38.53 0.23
N ALA C 19 -5.89 -38.23 1.28
CA ALA C 19 -7.28 -37.86 1.09
C ALA C 19 -7.43 -36.35 0.95
N SER C 20 -8.68 -35.90 0.85
CA SER C 20 -9.00 -34.50 0.60
C SER C 20 -9.98 -33.91 1.61
N ARG C 21 -9.80 -32.63 1.95
CA ARG C 21 -10.75 -31.92 2.80
C ARG C 21 -11.10 -30.56 2.20
N GLN C 22 -12.39 -30.23 2.11
CA GLN C 22 -12.75 -28.93 1.53
C GLN C 22 -13.35 -28.09 2.71
N LEU C 23 -12.98 -26.82 2.84
CA LEU C 23 -13.48 -25.90 3.89
C LEU C 23 -14.16 -24.67 3.28
N THR C 24 -15.37 -24.34 3.71
CA THR C 24 -16.11 -23.24 3.10
C THR C 24 -16.26 -22.03 4.01
N CYS C 25 -15.74 -20.89 3.54
CA CYS C 25 -15.84 -19.64 4.26
C CYS C 25 -16.86 -18.72 3.58
N ARG C 26 -17.83 -18.19 4.33
CA ARG C 26 -18.77 -17.24 3.75
C ARG C 26 -18.98 -16.02 4.66
N LEU C 27 -19.28 -14.87 4.07
CA LEU C 27 -19.45 -13.67 4.87
C LEU C 27 -20.82 -13.02 4.61
N ALA C 28 -21.68 -12.97 5.63
CA ALA C 28 -22.99 -12.31 5.51
C ALA C 28 -22.89 -10.80 5.77
N CYS C 29 -22.72 -10.03 4.71
CA CYS C 29 -22.58 -8.58 4.79
C CYS C 29 -23.50 -7.82 3.81
N ALA C 30 -24.09 -6.68 4.22
CA ALA C 30 -25.04 -6.03 3.32
C ALA C 30 -24.42 -5.23 2.21
N ASP C 31 -23.21 -4.75 2.40
CA ASP C 31 -22.63 -3.94 1.35
C ASP C 31 -21.93 -4.89 0.38
N ARG C 32 -22.04 -4.60 -0.92
CA ARG C 32 -21.21 -5.27 -1.89
C ARG C 32 -19.82 -4.68 -1.84
N GLY C 33 -18.88 -5.40 -2.45
CA GLY C 33 -17.50 -5.01 -2.36
C GLY C 33 -16.96 -5.77 -1.16
N ALA C 34 -17.83 -6.33 -0.32
CA ALA C 34 -17.39 -7.19 0.76
C ALA C 34 -16.66 -8.41 0.20
N SER C 35 -15.60 -8.82 0.90
CA SER C 35 -14.82 -9.99 0.51
C SER C 35 -14.21 -10.68 1.70
N VAL C 36 -13.82 -11.93 1.51
CA VAL C 36 -13.06 -12.67 2.51
C VAL C 36 -11.76 -13.16 1.87
N GLN C 37 -10.91 -13.74 2.68
CA GLN C 37 -9.61 -14.22 2.24
C GLN C 37 -9.09 -15.37 3.06
N TRP C 38 -8.80 -16.49 2.40
CA TRP C 38 -8.14 -17.59 3.08
C TRP C 38 -6.65 -17.31 3.11
N ARG C 39 -6.00 -17.76 4.15
CA ARG C 39 -4.57 -17.61 4.24
C ARG C 39 -3.90 -18.79 4.95
N GLY C 40 -2.73 -19.23 4.48
CA GLY C 40 -1.98 -20.26 5.18
C GLY C 40 -0.94 -19.63 6.07
N LEU C 41 -1.12 -19.85 7.38
CA LEU C 41 -0.29 -19.26 8.44
C LEU C 41 0.93 -20.13 8.68
N ASP C 42 0.68 -21.43 8.82
CA ASP C 42 1.70 -22.42 9.15
C ASP C 42 2.27 -23.29 8.02
N THR C 43 1.46 -23.35 6.99
CA THR C 43 1.61 -24.21 5.82
C THR C 43 1.17 -23.54 4.52
N SER C 44 1.40 -24.24 3.40
CA SER C 44 0.92 -23.77 2.11
C SER C 44 -0.63 -23.86 2.12
N LEU C 45 -1.26 -22.84 1.58
CA LEU C 45 -2.72 -22.67 1.67
C LEU C 45 -3.50 -23.85 1.11
N GLY C 46 -3.33 -24.10 -0.16
CA GLY C 46 -4.16 -25.04 -0.88
C GLY C 46 -4.92 -24.31 -1.97
N ALA C 47 -5.90 -24.97 -2.59
CA ALA C 47 -6.60 -24.38 -3.73
C ALA C 47 -7.90 -23.69 -3.31
N VAL C 48 -7.99 -22.40 -3.58
CA VAL C 48 -9.20 -21.66 -3.29
C VAL C 48 -9.98 -21.28 -4.57
N GLN C 49 -11.29 -21.48 -4.55
CA GLN C 49 -12.21 -21.07 -5.60
C GLN C 49 -13.36 -20.22 -5.02
N SER C 50 -13.67 -19.13 -5.69
CA SER C 50 -14.56 -18.10 -5.19
C SER C 50 -16.13 -18.20 -5.47
N ASP C 51 -16.63 -19.19 -6.23
CA ASP C 51 -18.09 -19.23 -6.55
C ASP C 51 -18.97 -20.11 -5.71
N THR C 52 -18.68 -21.41 -5.61
CA THR C 52 -19.64 -22.31 -5.01
C THR C 52 -19.54 -21.99 -3.55
N GLY C 53 -20.36 -22.59 -2.69
CA GLY C 53 -20.31 -22.21 -1.30
C GLY C 53 -20.25 -20.69 -1.29
N ARG C 54 -19.10 -20.13 -0.90
CA ARG C 54 -18.72 -18.72 -1.05
C ARG C 54 -17.25 -18.80 -1.47
N SER C 55 -16.36 -18.87 -0.48
CA SER C 55 -14.95 -19.07 -0.74
C SER C 55 -14.59 -20.47 -0.22
N VAL C 56 -14.30 -21.36 -1.16
CA VAL C 56 -14.07 -22.77 -0.87
C VAL C 56 -12.61 -23.15 -1.02
N LEU C 57 -11.99 -23.53 0.09
CA LEU C 57 -10.63 -24.00 0.09
C LEU C 57 -10.63 -25.53 0.05
N THR C 58 -9.82 -26.11 -0.83
CA THR C 58 -9.68 -27.56 -0.96
C THR C 58 -8.23 -28.05 -0.85
N VAL C 59 -7.98 -28.89 0.15
CA VAL C 59 -6.71 -29.63 0.31
C VAL C 59 -6.87 -30.94 -0.46
N ARG C 60 -5.98 -31.15 -1.43
CA ARG C 60 -6.10 -32.30 -2.32
C ARG C 60 -4.94 -33.33 -2.14
N ASN C 61 -5.12 -34.65 -2.38
CA ASN C 61 -3.98 -35.55 -2.14
C ASN C 61 -3.17 -35.13 -0.93
N ALA C 62 -3.82 -35.09 0.23
CA ALA C 62 -3.16 -34.53 1.40
C ALA C 62 -1.87 -35.27 1.77
N SER C 63 -0.80 -34.51 1.97
CA SER C 63 0.42 -35.06 2.54
C SER C 63 0.54 -34.45 3.94
N LEU C 64 1.52 -34.91 4.69
CA LEU C 64 1.76 -34.44 6.05
C LEU C 64 2.06 -32.96 5.94
N SER C 65 2.54 -32.52 4.77
CA SER C 65 2.88 -31.11 4.60
C SER C 65 1.65 -30.20 4.69
N ALA C 66 0.47 -30.77 4.48
CA ALA C 66 -0.78 -30.03 4.54
C ALA C 66 -1.28 -29.68 5.95
N ALA C 67 -0.85 -30.45 6.95
CA ALA C 67 -1.25 -30.20 8.32
C ALA C 67 -0.78 -28.83 8.75
N GLY C 68 -1.55 -28.19 9.61
CA GLY C 68 -1.21 -26.86 10.06
C GLY C 68 -2.40 -25.95 10.19
N THR C 69 -2.14 -24.68 10.45
CA THR C 69 -3.23 -23.77 10.75
C THR C 69 -3.53 -22.87 9.57
N ARG C 70 -4.81 -22.67 9.27
CA ARG C 70 -5.20 -21.74 8.25
C ARG C 70 -6.30 -20.81 8.80
N VAL C 71 -6.45 -19.63 8.22
CA VAL C 71 -7.47 -18.68 8.67
C VAL C 71 -8.19 -18.04 7.47
N CYS C 72 -9.49 -17.78 7.64
CA CYS C 72 -10.26 -17.00 6.66
C CYS C 72 -10.62 -15.68 7.32
N VAL C 73 -10.40 -14.57 6.61
CA VAL C 73 -10.63 -13.24 7.16
C VAL C 73 -11.61 -12.43 6.30
N GLY C 74 -12.40 -11.59 6.97
CA GLY C 74 -13.38 -10.77 6.28
C GLY C 74 -13.97 -9.61 7.08
N SER C 75 -14.14 -8.45 6.45
CA SER C 75 -14.66 -7.28 7.15
C SER C 75 -16.08 -6.99 6.73
N CYS C 76 -16.90 -6.59 7.69
CA CYS C 76 -18.22 -6.11 7.36
C CYS C 76 -18.44 -4.81 8.14
N GLY C 77 -18.67 -3.73 7.40
CA GLY C 77 -18.95 -2.44 8.02
C GLY C 77 -17.81 -1.89 8.88
N GLY C 78 -16.56 -2.26 8.58
CA GLY C 78 -15.45 -1.73 9.34
C GLY C 78 -14.98 -2.67 10.44
N ARG C 79 -15.62 -3.81 10.54
CA ARG C 79 -15.27 -4.79 11.56
C ARG C 79 -14.68 -6.02 10.89
N THR C 80 -13.48 -6.38 11.31
CA THR C 80 -12.75 -7.47 10.68
C THR C 80 -12.93 -8.72 11.50
N PHE C 81 -13.43 -9.78 10.86
CA PHE C 81 -13.60 -11.05 11.53
C PHE C 81 -12.65 -12.11 10.96
N GLN C 82 -12.29 -13.09 11.80
CA GLN C 82 -11.44 -14.19 11.37
C GLN C 82 -12.01 -15.52 11.85
N HIS C 83 -11.71 -16.57 11.12
CA HIS C 83 -12.04 -17.90 11.60
C HIS C 83 -10.85 -18.82 11.35
N THR C 84 -10.31 -19.35 12.45
CA THR C 84 -9.15 -20.24 12.35
C THR C 84 -9.51 -21.72 12.38
N VAL C 85 -8.90 -22.48 11.48
CA VAL C 85 -9.07 -23.91 11.50
C VAL C 85 -7.68 -24.56 11.37
N GLN C 86 -7.43 -25.58 12.18
CA GLN C 86 -6.16 -26.29 12.14
C GLN C 86 -6.43 -27.65 11.52
N LEU C 87 -5.61 -28.06 10.56
CA LEU C 87 -5.83 -29.34 9.92
C LEU C 87 -4.83 -30.41 10.38
N LEU C 88 -5.34 -31.58 10.80
CA LEU C 88 -4.47 -32.70 11.13
C LEU C 88 -4.52 -33.78 10.05
N VAL C 89 -3.35 -34.13 9.54
CA VAL C 89 -3.24 -35.19 8.56
C VAL C 89 -2.65 -36.41 9.21
N TYR C 90 -3.37 -37.51 9.17
CA TYR C 90 -2.97 -38.73 9.83
C TYR C 90 -2.81 -39.89 8.84
N ALA C 91 -1.98 -40.86 9.22
CA ALA C 91 -1.83 -42.09 8.47
C ALA C 91 -2.15 -43.19 9.43
N PHE C 92 -3.04 -44.05 8.96
CA PHE C 92 -3.50 -45.17 9.75
C PHE C 92 -4.04 -46.27 8.81
N PRO C 93 -3.16 -46.88 8.00
CA PRO C 93 -3.63 -47.95 7.11
C PRO C 93 -4.00 -49.22 7.84
N ASN C 94 -4.69 -50.12 7.16
CA ASN C 94 -5.01 -51.40 7.75
C ASN C 94 -3.82 -52.36 7.58
N GLN C 95 -2.68 -52.00 8.21
CA GLN C 95 -1.51 -52.83 8.21
C GLN C 95 -1.08 -53.16 9.63
N LEU C 96 -1.83 -54.08 10.24
CA LEU C 96 -1.61 -54.49 11.61
C LEU C 96 -1.02 -55.92 11.67
N THR C 97 0.25 -56.08 12.00
CA THR C 97 0.91 -57.39 12.19
C THR C 97 1.01 -57.87 13.67
N VAL C 98 1.03 -59.20 13.87
CA VAL C 98 1.12 -59.85 15.19
C VAL C 98 2.27 -60.86 15.27
N SER C 99 2.93 -60.96 16.44
CA SER C 99 4.07 -61.85 16.61
C SER C 99 4.10 -62.50 18.00
N PRO C 100 4.03 -63.84 18.04
CA PRO C 100 4.00 -64.73 16.88
C PRO C 100 2.71 -64.63 16.09
N ALA C 101 2.77 -65.11 14.85
CA ALA C 101 1.65 -65.09 13.94
C ALA C 101 0.49 -65.91 14.50
N ALA C 102 0.83 -67.00 15.16
CA ALA C 102 -0.14 -67.87 15.81
C ALA C 102 0.36 -68.25 17.19
N LEU C 103 -0.52 -68.42 18.18
CA LEU C 103 0.01 -68.72 19.49
C LEU C 103 0.06 -70.21 19.75
N VAL C 104 1.19 -70.63 20.30
CA VAL C 104 1.37 -71.97 20.83
C VAL C 104 1.48 -72.00 22.33
N PRO C 105 0.61 -72.77 22.99
CA PRO C 105 0.71 -72.88 24.44
C PRO C 105 2.15 -73.07 24.86
N GLY C 106 2.59 -72.19 25.75
CA GLY C 106 3.96 -72.09 26.18
C GLY C 106 4.54 -70.77 25.73
N ASP C 107 3.83 -70.06 24.83
CA ASP C 107 4.29 -68.74 24.48
C ASP C 107 3.91 -67.72 25.58
N PRO C 108 4.91 -67.03 26.19
CA PRO C 108 4.86 -66.05 27.28
C PRO C 108 4.27 -64.73 26.78
N GLU C 109 4.54 -64.39 25.51
CA GLU C 109 4.23 -63.07 25.00
C GLU C 109 3.68 -62.97 23.59
N VAL C 110 3.00 -61.86 23.32
CA VAL C 110 2.53 -61.57 21.99
C VAL C 110 2.77 -60.10 21.66
N ALA C 111 3.12 -59.78 20.43
CA ALA C 111 3.32 -58.38 20.06
C ALA C 111 2.43 -58.03 18.87
N CYS C 112 1.93 -56.79 18.81
CA CYS C 112 1.14 -56.36 17.67
C CYS C 112 1.65 -55.00 17.23
N THR C 113 1.87 -54.83 15.94
CA THR C 113 2.42 -53.60 15.38
C THR C 113 1.47 -52.97 14.34
N ALA C 114 1.19 -51.67 14.50
CA ALA C 114 0.47 -50.89 13.49
C ALA C 114 1.52 -50.25 12.57
N HIS C 115 1.38 -50.47 11.26
CA HIS C 115 2.41 -50.07 10.30
C HIS C 115 2.10 -48.78 9.52
N LYS C 116 3.14 -47.98 9.28
CA LYS C 116 3.11 -46.75 8.47
C LYS C 116 1.97 -45.83 8.91
N VAL C 117 1.96 -45.49 10.20
CA VAL C 117 0.94 -44.63 10.81
C VAL C 117 1.52 -43.36 11.42
N THR C 118 0.64 -42.39 11.70
CA THR C 118 0.99 -41.15 12.38
C THR C 118 -0.34 -40.44 12.60
N PRO C 119 -0.53 -39.78 13.76
CA PRO C 119 0.45 -39.69 14.83
C PRO C 119 0.59 -40.96 15.64
N VAL C 120 1.57 -41.00 16.54
CA VAL C 120 1.74 -42.20 17.36
C VAL C 120 1.62 -41.96 18.87
N ASP C 121 1.09 -40.80 19.25
CA ASP C 121 0.90 -40.43 20.65
C ASP C 121 -0.18 -41.31 21.25
N PRO C 122 0.07 -41.88 22.45
CA PRO C 122 -0.85 -42.79 23.14
C PRO C 122 -2.26 -42.19 23.28
N ASN C 123 -2.46 -40.88 23.35
CA ASN C 123 -3.85 -40.43 23.43
C ASN C 123 -4.66 -40.66 22.18
N ALA C 124 -3.96 -40.80 21.07
CA ALA C 124 -4.60 -41.00 19.77
C ALA C 124 -4.37 -42.42 19.33
N LEU C 125 -3.16 -42.92 19.52
CA LEU C 125 -2.89 -44.29 19.13
C LEU C 125 -2.92 -45.19 20.39
N SER C 126 -3.83 -46.16 20.43
CA SER C 126 -3.97 -47.08 21.55
C SER C 126 -4.11 -48.51 21.01
N PHE C 127 -3.58 -49.47 21.78
CA PHE C 127 -3.65 -50.92 21.50
C PHE C 127 -4.46 -51.71 22.51
N SER C 128 -5.08 -52.79 22.04
CA SER C 128 -5.74 -53.68 22.97
C SER C 128 -5.67 -55.14 22.57
N LEU C 129 -5.58 -55.99 23.58
CA LEU C 129 -5.66 -57.41 23.37
C LEU C 129 -7.05 -57.82 23.75
N LEU C 130 -7.76 -58.50 22.86
CA LEU C 130 -9.15 -58.84 23.15
C LEU C 130 -9.41 -60.29 22.97
N VAL C 131 -10.29 -60.79 23.81
CA VAL C 131 -10.84 -62.14 23.71
C VAL C 131 -12.36 -62.18 23.84
N GLY C 132 -13.04 -62.69 22.81
CA GLY C 132 -14.48 -62.55 22.77
C GLY C 132 -14.92 -61.10 22.91
N GLY C 133 -14.24 -60.19 22.23
CA GLY C 133 -14.64 -58.80 22.31
C GLY C 133 -14.16 -58.15 23.58
N GLN C 134 -13.78 -58.91 24.60
CA GLN C 134 -13.56 -58.18 25.82
C GLN C 134 -12.04 -58.20 25.97
N GLU C 135 -11.47 -57.17 26.60
CA GLU C 135 -10.01 -57.11 26.82
C GLU C 135 -9.52 -58.35 27.57
N LEU C 136 -8.38 -58.92 27.21
CA LEU C 136 -7.94 -60.13 27.90
C LEU C 136 -7.33 -59.89 29.29
N GLU C 137 -8.08 -60.25 30.33
CA GLU C 137 -7.63 -60.07 31.72
C GLU C 137 -6.38 -60.87 32.04
N GLY C 138 -5.50 -60.25 32.82
CA GLY C 138 -4.25 -60.87 33.20
C GLY C 138 -3.10 -60.53 32.26
N ALA C 139 -3.46 -59.97 31.10
CA ALA C 139 -2.53 -59.50 30.09
C ALA C 139 -1.79 -58.30 30.65
N GLN C 140 -0.47 -58.30 30.45
CA GLN C 140 0.37 -57.26 31.00
C GLN C 140 1.16 -56.52 29.90
N ALA C 141 0.78 -55.28 29.59
CA ALA C 141 1.47 -54.53 28.55
C ALA C 141 2.91 -54.19 28.93
N LEU C 142 3.85 -54.35 28.01
CA LEU C 142 5.24 -54.03 28.29
C LEU C 142 5.58 -52.57 27.98
N GLY C 143 4.76 -51.93 27.16
CA GLY C 143 4.98 -50.54 26.80
C GLY C 143 5.24 -50.39 25.31
N PRO C 144 4.64 -49.36 24.71
CA PRO C 144 4.80 -49.08 23.27
C PRO C 144 6.26 -48.88 22.88
N GLU C 145 6.53 -49.18 21.62
N GLU C 145 6.63 -49.35 21.70
CA GLU C 145 7.84 -48.97 21.06
CA GLU C 145 7.91 -48.97 21.09
C GLU C 145 7.66 -48.34 19.69
C GLU C 145 7.69 -48.34 19.72
N VAL C 146 8.17 -47.12 19.54
CA VAL C 146 7.95 -46.35 18.32
C VAL C 146 9.19 -46.49 17.45
N GLN C 147 8.92 -46.71 16.17
CA GLN C 147 9.94 -46.87 15.16
C GLN C 147 9.51 -46.23 13.85
N GLU C 148 10.35 -46.33 12.82
CA GLU C 148 10.06 -45.70 11.54
C GLU C 148 9.65 -46.68 10.41
N GLU C 149 8.72 -46.22 9.56
CA GLU C 149 8.18 -47.01 8.42
C GLU C 149 7.91 -48.45 8.84
N ASP C 158 7.40 -38.19 3.01
CA ASP C 158 6.90 -38.15 4.37
C ASP C 158 7.34 -39.37 5.17
N VAL C 159 7.73 -39.11 6.41
CA VAL C 159 8.19 -40.13 7.35
C VAL C 159 7.07 -40.54 8.32
N LEU C 160 6.63 -41.78 8.20
CA LEU C 160 5.56 -42.36 9.03
C LEU C 160 6.21 -43.22 10.13
N PHE C 161 5.39 -43.98 10.84
CA PHE C 161 5.89 -44.79 11.94
C PHE C 161 5.30 -46.18 11.99
N ARG C 162 6.07 -47.06 12.62
CA ARG C 162 5.60 -48.36 13.05
C ARG C 162 5.65 -48.33 14.58
N VAL C 163 4.61 -48.82 15.23
CA VAL C 163 4.49 -48.82 16.69
C VAL C 163 4.12 -50.21 17.20
N THR C 164 4.93 -50.71 18.13
CA THR C 164 4.78 -52.07 18.63
C THR C 164 4.35 -52.08 20.07
N GLU C 165 3.29 -52.83 20.36
CA GLU C 165 2.85 -53.03 21.73
C GLU C 165 3.08 -54.47 22.07
N ARG C 166 3.74 -54.73 23.19
CA ARG C 166 4.00 -56.11 23.54
C ARG C 166 3.17 -56.45 24.76
N TRP C 167 2.64 -57.67 24.83
CA TRP C 167 1.86 -58.11 25.97
C TRP C 167 2.44 -59.40 26.52
N ARG C 168 2.58 -59.41 27.84
CA ARG C 168 2.85 -60.62 28.61
C ARG C 168 1.55 -61.36 28.72
N LEU C 169 1.54 -62.61 28.30
CA LEU C 169 0.29 -63.35 28.26
C LEU C 169 -0.02 -63.99 29.60
N PRO C 170 -1.31 -63.99 29.97
CA PRO C 170 -1.69 -64.72 31.18
C PRO C 170 -1.94 -66.18 30.87
N PRO C 171 -2.12 -67.01 31.93
CA PRO C 171 -2.50 -68.39 31.65
C PRO C 171 -3.79 -68.48 30.88
N LEU C 172 -3.80 -69.23 29.77
CA LEU C 172 -4.96 -69.20 28.90
C LEU C 172 -6.01 -70.21 29.36
N GLY C 173 -5.67 -71.12 30.27
CA GLY C 173 -6.69 -71.99 30.80
C GLY C 173 -7.37 -72.89 29.79
N THR C 174 -8.26 -73.75 30.28
CA THR C 174 -8.99 -74.60 29.38
C THR C 174 -10.46 -74.24 29.53
N PRO C 175 -11.18 -74.22 28.41
CA PRO C 175 -10.64 -74.37 27.06
C PRO C 175 -9.90 -73.10 26.59
N VAL C 176 -8.76 -73.23 25.94
CA VAL C 176 -8.04 -72.05 25.45
C VAL C 176 -8.95 -71.31 24.45
N PRO C 177 -9.04 -69.99 24.59
CA PRO C 177 -9.86 -69.25 23.62
C PRO C 177 -9.48 -69.58 22.19
N PRO C 178 -10.47 -69.62 21.29
CA PRO C 178 -10.15 -69.95 19.89
C PRO C 178 -9.19 -68.95 19.26
N ALA C 179 -9.13 -67.73 19.77
CA ALA C 179 -8.20 -66.75 19.22
C ALA C 179 -8.31 -65.50 20.04
N LEU C 180 -7.21 -64.77 20.12
CA LEU C 180 -7.20 -63.45 20.71
C LEU C 180 -7.20 -62.41 19.60
N TYR C 181 -7.56 -61.18 19.92
CA TYR C 181 -7.63 -60.15 18.91
C TYR C 181 -6.84 -58.94 19.36
N CYS C 182 -5.83 -58.60 18.54
CA CYS C 182 -5.08 -57.38 18.68
C CYS C 182 -5.89 -56.30 17.96
N GLN C 183 -6.04 -55.16 18.61
CA GLN C 183 -6.79 -54.02 18.06
C GLN C 183 -6.09 -52.66 18.26
N ALA C 184 -5.95 -51.88 17.18
CA ALA C 184 -5.35 -50.55 17.27
C ALA C 184 -6.46 -49.53 17.08
N THR C 185 -6.53 -48.53 17.97
CA THR C 185 -7.59 -47.54 17.87
C THR C 185 -6.96 -46.21 17.58
N MET C 186 -7.50 -45.51 16.58
CA MET C 186 -7.06 -44.16 16.29
C MET C 186 -8.10 -43.11 16.65
N ARG C 187 -7.78 -42.24 17.61
CA ARG C 187 -8.72 -41.19 18.00
C ARG C 187 -8.14 -39.82 17.78
N LEU C 188 -8.76 -39.04 16.91
CA LEU C 188 -8.36 -37.64 16.68
C LEU C 188 -9.63 -36.83 16.68
N PRO C 189 -9.51 -35.50 16.78
CA PRO C 189 -10.72 -34.67 16.78
C PRO C 189 -11.65 -35.01 15.62
N GLY C 190 -12.81 -35.60 15.93
CA GLY C 190 -13.76 -35.98 14.89
C GLY C 190 -13.54 -37.34 14.25
N LEU C 191 -12.53 -38.07 14.71
CA LEU C 191 -12.10 -39.35 14.14
C LEU C 191 -11.96 -40.50 15.17
N GLU C 192 -12.56 -41.65 14.86
CA GLU C 192 -12.28 -42.86 15.64
C GLU C 192 -12.15 -44.06 14.70
N LEU C 193 -10.94 -44.57 14.50
CA LEU C 193 -10.80 -45.72 13.61
C LEU C 193 -10.19 -46.89 14.39
N SER C 194 -10.41 -48.11 13.90
CA SER C 194 -9.83 -49.29 14.55
C SER C 194 -9.54 -50.38 13.52
N HIS C 195 -8.45 -51.09 13.74
CA HIS C 195 -8.16 -52.25 12.93
C HIS C 195 -7.97 -53.37 13.92
N ARG C 196 -8.47 -54.54 13.55
CA ARG C 196 -8.31 -55.71 14.39
C ARG C 196 -7.62 -56.74 13.54
N GLN C 197 -6.66 -57.39 14.17
CA GLN C 197 -5.87 -58.48 13.59
C GLN C 197 -6.08 -59.71 14.44
N ALA C 198 -6.26 -60.84 13.80
CA ALA C 198 -6.56 -62.06 14.54
C ALA C 198 -5.32 -62.76 15.06
N ILE C 199 -5.43 -63.41 16.22
CA ILE C 199 -4.33 -64.22 16.72
C ILE C 199 -4.78 -65.63 17.06
N PRO C 200 -4.66 -66.54 16.08
CA PRO C 200 -5.03 -67.95 16.23
C PRO C 200 -4.27 -68.63 17.38
N VAL C 201 -4.99 -69.24 18.31
CA VAL C 201 -4.35 -70.01 19.37
C VAL C 201 -4.33 -71.49 19.00
N LEU C 202 -3.12 -72.03 18.79
CA LEU C 202 -2.94 -73.43 18.38
C LEU C 202 -2.80 -74.38 19.57
N GLN D 1 11.84 9.76 -18.92
CA GLN D 1 11.51 8.68 -19.89
C GLN D 1 10.46 7.79 -19.25
N VAL D 2 9.21 7.95 -19.69
CA VAL D 2 8.13 7.15 -19.12
C VAL D 2 8.39 5.66 -19.34
N GLN D 3 8.38 4.84 -18.30
CA GLN D 3 8.56 3.41 -18.49
C GLN D 3 7.84 2.65 -17.36
N LEU D 4 7.20 1.54 -17.71
CA LEU D 4 6.59 0.62 -16.74
C LEU D 4 7.26 -0.74 -16.83
N VAL D 5 7.92 -1.18 -15.76
CA VAL D 5 8.62 -2.46 -15.80
C VAL D 5 7.90 -3.52 -14.98
N GLN D 6 7.36 -4.55 -15.65
CA GLN D 6 6.64 -5.59 -14.92
C GLN D 6 7.54 -6.77 -14.57
N SER D 7 7.14 -7.50 -13.53
CA SER D 7 7.87 -8.69 -13.12
C SER D 7 7.68 -9.75 -14.21
N GLY D 8 8.45 -10.83 -14.09
CA GLY D 8 8.52 -11.86 -15.13
C GLY D 8 7.32 -12.80 -15.16
N ALA D 9 7.31 -13.70 -16.14
CA ALA D 9 6.20 -14.62 -16.33
C ALA D 9 5.98 -15.48 -15.09
N GLU D 10 4.74 -15.89 -14.85
CA GLU D 10 4.45 -16.72 -13.69
C GLU D 10 3.65 -17.95 -14.08
N VAL D 11 3.93 -19.05 -13.40
CA VAL D 11 3.10 -20.25 -13.46
C VAL D 11 2.51 -20.50 -12.07
N LYS D 12 1.21 -20.69 -12.00
CA LYS D 12 0.55 -20.95 -10.73
C LYS D 12 -0.45 -22.08 -10.94
N LYS D 13 -0.78 -22.85 -9.90
CA LYS D 13 -1.77 -23.92 -10.02
C LYS D 13 -3.17 -23.36 -9.91
N PRO D 14 -4.14 -24.05 -10.52
CA PRO D 14 -5.52 -23.62 -10.30
C PRO D 14 -5.78 -23.51 -8.81
N GLY D 15 -6.29 -22.38 -8.35
CA GLY D 15 -6.61 -22.19 -6.94
C GLY D 15 -5.55 -21.43 -6.15
N ALA D 16 -4.40 -21.16 -6.75
CA ALA D 16 -3.32 -20.42 -6.10
C ALA D 16 -3.49 -18.92 -6.31
N SER D 17 -2.42 -18.14 -6.11
CA SER D 17 -2.48 -16.71 -6.27
C SER D 17 -1.20 -16.16 -6.89
N VAL D 18 -1.28 -14.95 -7.47
CA VAL D 18 -0.12 -14.37 -8.14
C VAL D 18 -0.02 -12.91 -7.82
N LYS D 19 1.20 -12.43 -7.65
CA LYS D 19 1.43 -11.02 -7.39
C LYS D 19 2.39 -10.45 -8.41
N VAL D 20 1.87 -9.59 -9.27
CA VAL D 20 2.63 -8.93 -10.33
C VAL D 20 2.90 -7.48 -9.98
N SER D 21 4.13 -7.05 -10.26
CA SER D 21 4.55 -5.71 -9.92
C SER D 21 4.70 -4.91 -11.20
N CYS D 22 4.72 -3.60 -11.02
CA CYS D 22 4.73 -2.66 -12.11
C CYS D 22 5.47 -1.45 -11.61
N LYS D 23 6.74 -1.39 -11.94
CA LYS D 23 7.65 -0.34 -11.48
C LYS D 23 7.77 0.79 -12.48
N ALA D 24 7.44 1.99 -12.02
CA ALA D 24 7.39 3.20 -12.82
C ALA D 24 8.70 3.99 -12.77
N SER D 25 9.14 4.53 -13.90
CA SER D 25 10.31 5.38 -13.88
C SER D 25 10.19 6.42 -14.98
N GLY D 26 10.91 7.53 -14.84
CA GLY D 26 10.87 8.54 -15.87
C GLY D 26 9.70 9.49 -15.80
N TYR D 27 8.87 9.36 -14.77
CA TYR D 27 7.77 10.30 -14.56
C TYR D 27 7.36 10.33 -13.10
N THR D 28 6.48 11.25 -12.74
CA THR D 28 6.02 11.36 -11.36
C THR D 28 4.96 10.33 -11.12
N PHE D 29 5.32 9.32 -10.35
CA PHE D 29 4.46 8.16 -10.15
C PHE D 29 3.09 8.57 -9.65
N THR D 30 3.05 9.58 -8.77
CA THR D 30 1.84 9.97 -8.10
C THR D 30 0.88 10.83 -8.94
N SER D 31 1.31 11.25 -10.12
CA SER D 31 0.46 12.06 -10.98
C SER D 31 -0.44 11.24 -11.87
N TYR D 32 -0.26 9.92 -11.87
CA TYR D 32 -1.08 9.06 -12.72
C TYR D 32 -1.64 7.90 -11.90
N GLY D 33 -2.81 7.39 -12.27
CA GLY D 33 -3.27 6.17 -11.67
C GLY D 33 -2.65 5.05 -12.49
N ILE D 34 -2.89 3.81 -12.07
CA ILE D 34 -2.41 2.62 -12.80
C ILE D 34 -3.59 1.66 -13.06
N ASN D 35 -3.83 1.37 -14.33
CA ASN D 35 -4.81 0.35 -14.76
C ASN D 35 -4.12 -0.99 -14.97
N TRP D 36 -4.89 -2.06 -14.83
CA TRP D 36 -4.44 -3.39 -15.20
C TRP D 36 -5.36 -3.90 -16.32
N VAL D 37 -4.77 -4.34 -17.43
CA VAL D 37 -5.53 -4.83 -18.57
C VAL D 37 -4.96 -6.19 -18.99
N ARG D 38 -5.84 -7.20 -19.13
CA ARG D 38 -5.31 -8.52 -19.47
C ARG D 38 -5.86 -8.96 -20.82
N GLN D 39 -5.21 -9.97 -21.38
CA GLN D 39 -5.64 -10.51 -22.64
C GLN D 39 -5.41 -12.02 -22.63
N ALA D 40 -6.47 -12.82 -22.48
CA ALA D 40 -6.32 -14.28 -22.56
C ALA D 40 -5.91 -14.63 -23.99
N PRO D 41 -5.25 -15.81 -24.17
CA PRO D 41 -4.66 -16.14 -25.48
C PRO D 41 -5.67 -16.06 -26.64
N GLY D 42 -5.25 -15.36 -27.69
CA GLY D 42 -6.08 -15.11 -28.85
C GLY D 42 -7.42 -14.47 -28.48
N GLN D 43 -7.42 -13.54 -27.51
CA GLN D 43 -8.66 -12.93 -27.02
C GLN D 43 -8.54 -11.43 -26.99
N GLY D 44 -9.67 -10.75 -26.75
CA GLY D 44 -9.66 -9.30 -26.66
C GLY D 44 -9.04 -8.79 -25.38
N LEU D 45 -8.99 -7.46 -25.26
CA LEU D 45 -8.51 -6.81 -24.04
C LEU D 45 -9.65 -6.61 -23.05
N GLU D 46 -9.32 -6.67 -21.77
CA GLU D 46 -10.32 -6.44 -20.73
C GLU D 46 -9.75 -5.74 -19.50
N TRP D 47 -10.36 -4.65 -19.11
CA TRP D 47 -9.95 -3.92 -17.91
C TRP D 47 -10.21 -4.76 -16.66
N MET D 48 -9.19 -4.87 -15.82
CA MET D 48 -9.28 -5.67 -14.61
C MET D 48 -9.41 -4.73 -13.39
N GLY D 49 -8.69 -3.62 -13.39
CA GLY D 49 -8.77 -2.74 -12.24
C GLY D 49 -7.92 -1.51 -12.33
N TRP D 50 -8.07 -0.66 -11.32
CA TRP D 50 -7.46 0.65 -11.27
C TRP D 50 -7.07 0.97 -9.85
N ILE D 51 -5.87 1.53 -9.71
CA ILE D 51 -5.37 2.01 -8.44
C ILE D 51 -5.02 3.46 -8.62
N SER D 52 -5.63 4.29 -7.79
CA SER D 52 -5.29 5.70 -7.78
C SER D 52 -4.06 5.84 -6.92
N VAL D 53 -2.94 6.02 -7.60
CA VAL D 53 -1.65 6.00 -6.94
C VAL D 53 -1.59 6.99 -5.79
N TYR D 54 -2.07 8.20 -6.00
CA TYR D 54 -1.89 9.24 -4.98
C TYR D 54 -2.83 9.06 -3.80
N SER D 55 -3.98 8.42 -3.99
CA SER D 55 -4.99 8.38 -2.91
C SER D 55 -5.12 7.01 -2.28
N GLY D 56 -4.77 5.98 -3.03
CA GLY D 56 -4.93 4.61 -2.58
C GLY D 56 -6.29 4.00 -2.91
N ASN D 57 -7.15 4.79 -3.54
CA ASN D 57 -8.46 4.32 -3.96
C ASN D 57 -8.32 3.35 -5.10
N THR D 58 -9.26 2.41 -5.20
CA THR D 58 -9.19 1.41 -6.24
C THR D 58 -10.55 1.20 -6.89
N ASN D 59 -10.58 0.52 -8.03
CA ASN D 59 -11.81 0.00 -8.59
C ASN D 59 -11.46 -1.30 -9.32
N TYR D 60 -12.24 -2.34 -9.09
CA TYR D 60 -11.98 -3.66 -9.67
C TYR D 60 -13.06 -4.11 -10.63
N ALA D 61 -12.69 -4.88 -11.65
CA ALA D 61 -13.69 -5.45 -12.53
C ALA D 61 -14.44 -6.58 -11.81
N GLN D 62 -15.66 -6.83 -12.29
CA GLN D 62 -16.52 -7.80 -11.66
C GLN D 62 -15.84 -9.20 -11.72
N LYS D 63 -15.05 -9.50 -12.76
CA LYS D 63 -14.42 -10.83 -12.90
C LYS D 63 -13.38 -11.14 -11.81
N VAL D 64 -12.84 -10.12 -11.18
CA VAL D 64 -11.82 -10.30 -10.14
C VAL D 64 -12.26 -9.69 -8.82
N GLN D 65 -13.36 -8.95 -8.84
CA GLN D 65 -13.88 -8.35 -7.63
C GLN D 65 -14.07 -9.50 -6.62
N GLY D 66 -13.57 -9.34 -5.40
CA GLY D 66 -13.70 -10.36 -4.37
C GLY D 66 -12.46 -11.22 -4.21
N ARG D 67 -11.52 -11.10 -5.15
CA ARG D 67 -10.29 -11.90 -5.07
C ARG D 67 -9.07 -11.16 -5.62
N VAL D 68 -9.13 -9.83 -5.66
CA VAL D 68 -8.01 -9.04 -6.14
C VAL D 68 -7.72 -7.88 -5.20
N THR D 69 -6.45 -7.50 -5.18
CA THR D 69 -5.96 -6.37 -4.44
C THR D 69 -4.94 -5.63 -5.25
N MET D 70 -5.19 -4.35 -5.48
CA MET D 70 -4.23 -3.52 -6.18
C MET D 70 -3.74 -2.47 -5.22
N THR D 71 -2.43 -2.29 -5.20
CA THR D 71 -1.81 -1.33 -4.29
C THR D 71 -0.69 -0.61 -4.97
N ALA D 72 -0.20 0.44 -4.35
CA ALA D 72 0.90 1.18 -4.90
C ALA D 72 1.86 1.59 -3.78
N ASP D 73 3.15 1.35 -3.99
CA ASP D 73 4.14 1.73 -3.03
C ASP D 73 4.83 2.93 -3.64
N THR D 74 4.50 4.10 -3.11
CA THR D 74 5.02 5.34 -3.66
C THR D 74 6.48 5.56 -3.27
N SER D 75 6.99 4.74 -2.36
CA SER D 75 8.38 4.86 -1.94
C SER D 75 9.27 4.14 -2.91
N THR D 76 8.73 3.18 -3.66
CA THR D 76 9.53 2.44 -4.62
C THR D 76 8.94 2.61 -5.98
N SER D 77 7.97 3.52 -6.09
CA SER D 77 7.26 3.75 -7.34
C SER D 77 6.81 2.48 -8.00
N THR D 78 6.19 1.59 -7.24
CA THR D 78 5.76 0.31 -7.77
C THR D 78 4.30 0.05 -7.43
N ALA D 79 3.56 -0.49 -8.40
CA ALA D 79 2.16 -0.86 -8.23
C ALA D 79 2.07 -2.37 -8.30
N TYR D 80 1.08 -2.93 -7.64
CA TYR D 80 0.93 -4.37 -7.55
C TYR D 80 -0.48 -4.82 -7.88
N MET D 81 -0.59 -5.93 -8.58
CA MET D 81 -1.86 -6.63 -8.66
C MET D 81 -1.68 -7.97 -7.96
N ASP D 82 -2.51 -8.23 -6.96
CA ASP D 82 -2.41 -9.44 -6.15
C ASP D 82 -3.70 -10.20 -6.41
N LEU D 83 -3.62 -11.24 -7.23
CA LEU D 83 -4.78 -11.99 -7.68
C LEU D 83 -4.89 -13.39 -7.07
N ARG D 84 -5.92 -13.59 -6.24
CA ARG D 84 -6.11 -14.86 -5.53
C ARG D 84 -7.13 -15.79 -6.17
N SER D 85 -7.22 -17.01 -5.64
CA SER D 85 -8.16 -18.00 -6.18
C SER D 85 -8.07 -18.15 -7.70
N LEU D 86 -6.88 -18.32 -8.24
CA LEU D 86 -6.69 -18.31 -9.70
C LEU D 86 -7.54 -19.37 -10.41
N ARG D 87 -8.12 -18.99 -11.54
CA ARG D 87 -8.91 -19.94 -12.35
C ARG D 87 -8.09 -20.31 -13.54
N SER D 88 -8.40 -21.44 -14.14
CA SER D 88 -7.72 -21.79 -15.38
C SER D 88 -7.81 -20.76 -16.48
N ASP D 89 -8.98 -20.15 -16.62
CA ASP D 89 -9.22 -19.12 -17.62
C ASP D 89 -8.71 -17.73 -17.11
N ASP D 90 -7.95 -17.66 -16.00
CA ASP D 90 -7.24 -16.40 -15.64
C ASP D 90 -5.93 -16.32 -16.42
N THR D 91 -5.58 -17.40 -17.10
CA THR D 91 -4.38 -17.41 -17.94
C THR D 91 -4.46 -16.32 -18.98
N ALA D 92 -3.44 -15.45 -19.00
CA ALA D 92 -3.43 -14.31 -19.90
C ALA D 92 -2.17 -13.51 -19.69
N VAL D 93 -1.91 -12.58 -20.60
CA VAL D 93 -0.89 -11.58 -20.36
C VAL D 93 -1.54 -10.43 -19.65
N TYR D 94 -0.91 -10.01 -18.55
CA TYR D 94 -1.43 -8.92 -17.77
C TYR D 94 -0.53 -7.70 -17.94
N TYR D 95 -1.15 -6.62 -18.41
CA TYR D 95 -0.50 -5.34 -18.62
C TYR D 95 -0.91 -4.36 -17.55
N CYS D 96 0.05 -3.56 -17.12
CA CYS D 96 -0.26 -2.38 -16.36
C CYS D 96 -0.03 -1.22 -17.30
N ALA D 97 -0.81 -0.16 -17.13
CA ALA D 97 -0.67 1.05 -17.93
C ALA D 97 -0.91 2.27 -17.05
N ARG D 98 -0.16 3.32 -17.32
CA ARG D 98 -0.36 4.60 -16.69
C ARG D 98 -1.64 5.24 -17.23
N GLU D 99 -2.27 6.10 -16.45
CA GLU D 99 -3.57 6.65 -16.82
C GLU D 99 -3.59 8.06 -16.31
N GLY D 100 -3.81 9.03 -17.20
CA GLY D 100 -3.79 10.43 -16.78
C GLY D 100 -4.00 11.45 -17.88
N SER D 101 -3.71 12.71 -17.56
CA SER D 101 -4.02 13.81 -18.47
C SER D 101 -2.77 14.50 -18.97
N SER D 102 -2.97 15.56 -19.74
CA SER D 102 -1.87 16.43 -20.12
C SER D 102 -1.40 17.22 -18.91
N SER D 103 -0.20 17.80 -19.01
CA SER D 103 0.43 18.47 -17.89
C SER D 103 -0.42 19.64 -17.39
N SER D 104 -1.28 20.19 -18.24
CA SER D 104 -2.13 21.28 -17.78
C SER D 104 -3.53 20.84 -17.36
N GLY D 105 -3.82 19.58 -17.61
CA GLY D 105 -5.08 18.90 -17.30
C GLY D 105 -6.27 19.07 -18.26
N ASP D 106 -6.06 19.80 -19.36
CA ASP D 106 -7.10 20.14 -20.34
C ASP D 106 -7.48 18.89 -21.15
N TYR D 107 -6.51 18.01 -21.46
CA TYR D 107 -6.83 16.78 -22.19
C TYR D 107 -6.53 15.54 -21.38
N TYR D 108 -7.45 14.58 -21.50
CA TYR D 108 -7.29 13.29 -20.87
C TYR D 108 -6.79 12.26 -21.87
N TYR D 109 -5.57 11.80 -21.67
CA TYR D 109 -4.95 10.90 -22.62
C TYR D 109 -5.45 9.48 -22.49
N GLY D 110 -5.89 9.12 -21.30
CA GLY D 110 -6.20 7.75 -20.97
C GLY D 110 -4.88 7.02 -20.68
N MET D 111 -4.76 5.78 -21.14
CA MET D 111 -3.60 4.96 -20.87
C MET D 111 -2.56 5.10 -21.97
N ASP D 112 -1.62 6.03 -21.78
CA ASP D 112 -0.70 6.35 -22.85
C ASP D 112 0.61 5.56 -22.83
N VAL D 113 0.95 5.01 -21.67
CA VAL D 113 2.14 4.17 -21.50
C VAL D 113 1.82 2.84 -20.84
N TRP D 114 2.26 1.76 -21.49
CA TRP D 114 1.97 0.40 -21.08
C TRP D 114 3.23 -0.33 -20.64
N GLY D 115 3.07 -1.26 -19.70
CA GLY D 115 4.14 -2.15 -19.30
C GLY D 115 4.33 -3.15 -20.41
N GLN D 116 5.38 -3.96 -20.31
CA GLN D 116 5.70 -4.92 -21.36
C GLN D 116 4.77 -6.14 -21.28
N GLY D 117 4.05 -6.25 -20.17
CA GLY D 117 3.08 -7.30 -19.94
C GLY D 117 3.69 -8.44 -19.14
N THR D 118 2.84 -9.22 -18.48
CA THR D 118 3.30 -10.36 -17.69
C THR D 118 2.36 -11.54 -17.96
N THR D 119 2.94 -12.64 -18.43
CA THR D 119 2.19 -13.84 -18.73
C THR D 119 1.92 -14.64 -17.47
N VAL D 120 0.65 -14.95 -17.22
CA VAL D 120 0.26 -15.81 -16.12
C VAL D 120 -0.36 -17.11 -16.67
N THR D 121 0.32 -18.25 -16.49
CA THR D 121 -0.27 -19.51 -16.97
C THR D 121 -0.84 -20.30 -15.77
N VAL D 122 -2.16 -20.34 -15.61
CA VAL D 122 -2.75 -21.13 -14.53
C VAL D 122 -2.88 -22.57 -15.01
N SER D 123 -1.97 -23.39 -14.51
CA SER D 123 -1.84 -24.78 -14.92
C SER D 123 -1.14 -25.59 -13.83
N SER D 124 -1.39 -26.90 -13.82
CA SER D 124 -0.78 -27.83 -12.88
C SER D 124 0.48 -28.48 -13.50
N ALA D 125 0.84 -28.10 -14.72
CA ALA D 125 2.00 -28.71 -15.40
C ALA D 125 3.31 -28.33 -14.70
N SER D 126 4.35 -29.12 -14.94
CA SER D 126 5.66 -28.85 -14.36
C SER D 126 6.62 -28.32 -15.41
N THR D 127 7.61 -27.53 -14.98
CA THR D 127 8.60 -26.99 -15.92
C THR D 127 9.29 -28.14 -16.64
N LYS D 128 9.32 -28.13 -17.97
CA LYS D 128 9.86 -29.26 -18.72
C LYS D 128 10.57 -28.81 -19.99
N GLY D 129 11.78 -29.30 -20.25
CA GLY D 129 12.47 -28.93 -21.48
C GLY D 129 11.93 -29.70 -22.67
N PRO D 130 12.07 -29.16 -23.89
CA PRO D 130 11.47 -29.83 -25.06
C PRO D 130 12.36 -30.93 -25.62
N SER D 131 11.78 -31.91 -26.33
CA SER D 131 12.61 -32.82 -27.11
C SER D 131 12.56 -32.27 -28.52
N VAL D 132 13.74 -31.95 -29.05
CA VAL D 132 13.83 -31.34 -30.37
C VAL D 132 14.10 -32.42 -31.40
N PHE D 133 13.08 -32.65 -32.24
CA PHE D 133 13.12 -33.64 -33.30
C PHE D 133 13.23 -32.91 -34.61
N PRO D 134 13.98 -33.49 -35.55
CA PRO D 134 14.21 -32.94 -36.89
C PRO D 134 13.01 -33.07 -37.81
N LEU D 135 12.87 -32.10 -38.70
CA LEU D 135 11.90 -32.14 -39.78
C LEU D 135 12.62 -32.24 -41.11
N ALA D 136 12.74 -33.46 -41.61
CA ALA D 136 13.36 -33.76 -42.90
C ALA D 136 12.36 -34.52 -43.77
N PRO D 137 12.45 -34.34 -45.10
CA PRO D 137 11.59 -35.06 -46.06
C PRO D 137 11.63 -36.57 -45.86
N CYS D 138 10.63 -37.32 -46.34
CA CYS D 138 10.64 -38.77 -46.21
C CYS D 138 11.53 -39.43 -47.26
N SER D 145 12.77 -29.38 -56.31
CA SER D 145 13.23 -28.09 -56.82
C SER D 145 13.48 -27.05 -55.72
N THR D 146 12.54 -27.04 -54.78
CA THR D 146 12.56 -26.22 -53.57
C THR D 146 12.52 -27.22 -52.46
N ALA D 147 13.17 -26.91 -51.35
CA ALA D 147 13.02 -27.85 -50.25
C ALA D 147 12.68 -27.17 -48.92
N ALA D 148 11.92 -27.87 -48.08
CA ALA D 148 11.61 -27.35 -46.77
C ALA D 148 12.14 -28.37 -45.74
N LEU D 149 12.67 -27.90 -44.63
CA LEU D 149 13.09 -28.74 -43.51
C LEU D 149 12.95 -27.90 -42.23
N GLY D 150 13.09 -28.50 -41.07
CA GLY D 150 12.81 -27.77 -39.86
C GLY D 150 13.11 -28.54 -38.61
N CYS D 151 12.66 -27.98 -37.50
CA CYS D 151 12.78 -28.61 -36.20
C CYS D 151 11.45 -28.56 -35.48
N LEU D 152 11.09 -29.69 -34.88
CA LEU D 152 9.89 -29.81 -34.05
C LEU D 152 10.29 -29.80 -32.61
N VAL D 153 9.92 -28.75 -31.91
CA VAL D 153 10.22 -28.61 -30.50
C VAL D 153 9.00 -29.05 -29.69
N LYS D 154 9.00 -30.24 -29.12
CA LYS D 154 7.72 -30.74 -28.61
C LYS D 154 7.80 -30.98 -27.10
N ASP D 155 6.68 -30.82 -26.41
CA ASP D 155 6.59 -31.12 -24.98
C ASP D 155 7.52 -30.37 -24.01
N TYR D 156 7.30 -29.06 -23.92
CA TYR D 156 7.99 -28.21 -22.96
C TYR D 156 6.99 -27.40 -22.18
N PHE D 157 7.43 -26.84 -21.05
CA PHE D 157 6.56 -26.03 -20.22
C PHE D 157 7.41 -25.17 -19.28
N PRO D 158 7.04 -23.89 -19.08
CA PRO D 158 5.98 -23.21 -19.83
C PRO D 158 6.57 -22.55 -21.06
N GLU D 159 5.83 -21.64 -21.69
CA GLU D 159 6.42 -20.80 -22.72
C GLU D 159 7.32 -19.77 -22.05
N PRO D 160 8.24 -19.19 -22.82
CA PRO D 160 8.44 -19.53 -24.24
C PRO D 160 9.72 -20.27 -24.62
N VAL D 161 9.83 -20.71 -25.88
CA VAL D 161 11.13 -21.06 -26.45
C VAL D 161 11.42 -20.13 -27.62
N THR D 162 12.70 -19.98 -27.92
CA THR D 162 13.18 -19.25 -29.09
C THR D 162 13.96 -20.21 -29.97
N VAL D 163 13.87 -19.98 -31.28
CA VAL D 163 14.60 -20.76 -32.27
C VAL D 163 15.30 -19.84 -33.25
N SER D 164 16.55 -20.17 -33.55
CA SER D 164 17.28 -19.50 -34.62
C SER D 164 17.86 -20.54 -35.56
N TRP D 165 18.43 -20.09 -36.68
CA TRP D 165 19.02 -21.03 -37.59
C TRP D 165 20.44 -20.60 -37.88
N ASN D 166 21.38 -21.52 -37.70
CA ASN D 166 22.78 -21.18 -37.91
C ASN D 166 23.16 -19.95 -37.09
N SER D 167 22.71 -19.90 -35.83
CA SER D 167 23.10 -18.85 -34.91
C SER D 167 22.74 -17.46 -35.42
N GLY D 168 21.62 -17.32 -36.11
CA GLY D 168 21.24 -16.01 -36.59
C GLY D 168 21.72 -15.79 -38.00
N ALA D 169 22.53 -16.69 -38.54
CA ALA D 169 23.06 -16.50 -39.88
C ALA D 169 22.04 -16.65 -40.99
N LEU D 170 20.98 -17.40 -40.73
CA LEU D 170 19.91 -17.67 -41.70
C LEU D 170 18.54 -17.09 -41.30
N THR D 171 18.10 -16.02 -41.94
CA THR D 171 16.79 -15.45 -41.62
C THR D 171 15.87 -15.57 -42.83
N SER D 172 16.44 -15.71 -44.02
CA SER D 172 15.67 -15.84 -45.24
C SER D 172 15.01 -17.23 -45.32
N GLY D 173 13.70 -17.27 -45.46
CA GLY D 173 12.96 -18.51 -45.62
C GLY D 173 12.66 -19.20 -44.31
N VAL D 174 13.01 -18.56 -43.20
CA VAL D 174 12.73 -19.14 -41.90
C VAL D 174 11.30 -18.79 -41.48
N HIS D 175 10.58 -19.79 -40.98
CA HIS D 175 9.26 -19.61 -40.39
C HIS D 175 9.13 -20.37 -39.09
N THR D 176 9.02 -19.62 -38.00
CA THR D 176 8.80 -20.18 -36.67
C THR D 176 7.37 -19.97 -36.17
N PHE D 177 6.62 -21.05 -36.00
CA PHE D 177 5.18 -20.91 -35.73
C PHE D 177 4.86 -20.73 -34.23
N PRO D 178 3.71 -20.13 -33.92
CA PRO D 178 3.25 -20.06 -32.53
C PRO D 178 3.10 -21.47 -31.94
N ALA D 179 3.45 -21.65 -30.67
CA ALA D 179 3.25 -22.95 -30.00
C ALA D 179 1.76 -23.23 -29.80
N VAL D 180 1.40 -24.51 -29.76
CA VAL D 180 0.04 -24.90 -29.40
C VAL D 180 0.12 -25.68 -28.09
N LEU D 181 -0.96 -25.60 -27.31
CA LEU D 181 -1.03 -26.28 -26.02
C LEU D 181 -1.73 -27.64 -26.20
N GLN D 182 -1.00 -28.71 -25.91
CA GLN D 182 -1.47 -30.10 -26.07
C GLN D 182 -2.39 -30.55 -24.93
N SER D 183 -3.03 -31.71 -25.10
CA SER D 183 -3.95 -32.18 -24.07
C SER D 183 -3.15 -32.56 -22.84
N SER D 184 -1.85 -32.73 -23.01
CA SER D 184 -0.97 -33.02 -21.89
C SER D 184 -0.72 -31.81 -21.03
N GLY D 185 -1.02 -30.62 -21.56
CA GLY D 185 -0.69 -29.40 -20.82
C GLY D 185 0.72 -28.92 -21.16
N LEU D 186 1.34 -29.50 -22.19
CA LEU D 186 2.67 -29.09 -22.62
C LEU D 186 2.60 -28.39 -23.94
N TYR D 187 3.58 -27.55 -24.23
CA TYR D 187 3.53 -26.81 -25.47
C TYR D 187 4.29 -27.55 -26.56
N SER D 188 3.98 -27.19 -27.80
CA SER D 188 4.66 -27.77 -28.96
C SER D 188 4.72 -26.72 -30.03
N LEU D 189 5.88 -26.70 -30.67
CA LEU D 189 6.21 -25.68 -31.63
C LEU D 189 7.03 -26.26 -32.74
N SER D 190 6.87 -25.71 -33.94
CA SER D 190 7.65 -26.14 -35.08
C SER D 190 8.34 -24.93 -35.70
N SER D 191 9.53 -25.14 -36.24
CA SER D 191 10.25 -24.11 -37.00
C SER D 191 10.82 -24.72 -38.27
N VAL D 192 10.53 -24.10 -39.40
CA VAL D 192 10.98 -24.61 -40.70
C VAL D 192 11.78 -23.59 -41.49
N VAL D 193 12.53 -24.05 -42.49
CA VAL D 193 13.18 -23.13 -43.40
C VAL D 193 13.16 -23.74 -44.79
N THR D 194 12.76 -22.93 -45.77
CA THR D 194 12.75 -23.36 -47.15
C THR D 194 13.99 -22.87 -47.90
N VAL D 195 14.66 -23.76 -48.62
CA VAL D 195 15.88 -23.37 -49.31
C VAL D 195 15.86 -23.96 -50.72
N PRO D 196 16.64 -23.38 -51.64
CA PRO D 196 16.77 -24.03 -52.95
C PRO D 196 17.22 -25.47 -52.69
N SER D 197 16.70 -26.41 -53.45
CA SER D 197 16.88 -27.83 -53.20
C SER D 197 18.35 -28.26 -53.22
N SER D 198 19.11 -27.73 -54.17
CA SER D 198 20.53 -28.10 -54.32
C SER D 198 21.29 -27.91 -53.02
N ASN D 199 20.87 -26.91 -52.25
CA ASN D 199 21.56 -26.54 -51.02
C ASN D 199 21.43 -27.52 -49.85
N PHE D 200 20.23 -28.10 -49.71
CA PHE D 200 19.93 -29.12 -48.70
C PHE D 200 20.63 -30.44 -48.94
N GLY D 201 21.66 -30.75 -48.20
CA GLY D 201 22.34 -32.03 -48.38
C GLY D 201 23.80 -31.81 -48.63
N THR D 202 24.09 -30.65 -49.21
CA THR D 202 25.45 -30.24 -49.43
C THR D 202 25.86 -29.24 -48.36
N GLN D 203 24.96 -28.31 -48.10
CA GLN D 203 25.24 -27.25 -47.16
C GLN D 203 24.66 -27.64 -45.77
N THR D 204 24.99 -26.92 -44.68
CA THR D 204 24.54 -27.34 -43.33
C THR D 204 23.46 -26.45 -42.71
N TYR D 205 22.40 -27.04 -42.14
CA TYR D 205 21.29 -26.29 -41.51
C TYR D 205 21.07 -26.72 -40.05
N THR D 206 21.23 -25.78 -39.11
CA THR D 206 21.17 -26.11 -37.69
C THR D 206 20.21 -25.20 -36.94
N CYS D 207 19.29 -25.80 -36.19
CA CYS D 207 18.32 -25.02 -35.43
C CYS D 207 18.82 -24.95 -33.99
N ASN D 208 18.74 -23.74 -33.44
CA ASN D 208 19.21 -23.49 -32.08
C ASN D 208 18.01 -23.24 -31.18
N VAL D 209 17.76 -24.15 -30.25
CA VAL D 209 16.58 -24.02 -29.42
C VAL D 209 17.01 -23.63 -28.01
N ASP D 210 16.40 -22.58 -27.47
CA ASP D 210 16.69 -22.15 -26.10
C ASP D 210 15.39 -22.08 -25.33
N HIS D 211 15.37 -22.74 -24.18
CA HIS D 211 14.23 -22.71 -23.25
C HIS D 211 14.70 -22.40 -21.84
N LYS D 212 14.68 -21.13 -21.47
CA LYS D 212 15.24 -20.67 -20.21
C LYS D 212 14.57 -21.33 -19.00
N PRO D 213 13.24 -21.46 -19.04
CA PRO D 213 12.59 -22.07 -17.87
C PRO D 213 13.23 -23.37 -17.38
N SER D 214 13.63 -24.23 -18.31
CA SER D 214 14.27 -25.50 -17.97
C SER D 214 15.77 -25.41 -18.29
N ASN D 215 16.24 -24.22 -18.68
CA ASN D 215 17.65 -24.05 -19.09
C ASN D 215 18.14 -25.05 -20.13
N THR D 216 17.48 -25.10 -21.27
CA THR D 216 17.85 -26.06 -22.28
C THR D 216 18.41 -25.35 -23.48
N LYS D 217 19.66 -25.63 -23.84
CA LYS D 217 20.16 -25.06 -25.06
C LYS D 217 20.31 -26.29 -25.97
N VAL D 218 19.68 -26.34 -27.14
CA VAL D 218 19.89 -27.51 -27.98
C VAL D 218 20.20 -27.07 -29.37
N ASP D 219 21.27 -27.62 -29.94
CA ASP D 219 21.51 -27.39 -31.34
C ASP D 219 21.44 -28.73 -32.08
N LYS D 220 20.55 -28.76 -33.06
CA LYS D 220 20.30 -29.93 -33.91
C LYS D 220 20.32 -29.57 -35.36
N THR D 221 21.26 -30.23 -36.02
CA THR D 221 21.48 -30.16 -37.45
C THR D 221 20.62 -31.18 -38.18
N VAL D 222 19.98 -30.68 -39.22
CA VAL D 222 19.06 -31.45 -40.05
C VAL D 222 19.82 -31.84 -41.33
N GLU D 223 19.84 -33.15 -41.60
CA GLU D 223 20.55 -33.73 -42.75
C GLU D 223 19.65 -34.49 -43.74
N ASP E 1 -22.86 -2.05 -17.82
CA ASP E 1 -21.64 -1.86 -18.65
C ASP E 1 -21.98 -1.33 -20.03
N ILE E 2 -21.24 -0.31 -20.45
CA ILE E 2 -21.41 0.22 -21.78
C ILE E 2 -20.90 -0.82 -22.78
N VAL E 3 -21.69 -1.08 -23.82
CA VAL E 3 -21.33 -2.07 -24.81
C VAL E 3 -20.68 -1.32 -25.97
N MET E 4 -19.48 -1.75 -26.35
CA MET E 4 -18.75 -1.14 -27.45
C MET E 4 -18.77 -2.16 -28.58
N THR E 5 -19.27 -1.76 -29.75
CA THR E 5 -19.42 -2.67 -30.86
C THR E 5 -18.59 -2.20 -32.05
N GLN E 6 -17.62 -3.01 -32.47
CA GLN E 6 -16.84 -2.65 -33.64
C GLN E 6 -17.28 -3.43 -34.89
N THR E 7 -17.29 -2.77 -36.05
CA THR E 7 -17.59 -3.45 -37.31
CA THR E 7 -17.58 -3.46 -37.30
C THR E 7 -16.80 -2.82 -38.46
N PRO E 8 -16.13 -3.65 -39.27
CA PRO E 8 -16.07 -5.11 -39.13
C PRO E 8 -15.03 -5.52 -38.10
N LEU E 9 -14.83 -6.82 -37.89
CA LEU E 9 -13.82 -7.30 -36.97
C LEU E 9 -12.62 -7.83 -37.75
N SER E 10 -12.70 -7.73 -39.07
CA SER E 10 -11.61 -8.13 -39.95
C SER E 10 -11.57 -7.21 -41.17
N LEU E 11 -10.41 -6.62 -41.47
CA LEU E 11 -10.30 -5.71 -42.61
C LEU E 11 -9.13 -6.17 -43.50
N SER E 12 -9.31 -6.34 -44.81
CA SER E 12 -8.20 -6.69 -45.70
C SER E 12 -7.92 -5.53 -46.66
N VAL E 13 -6.78 -4.86 -46.54
CA VAL E 13 -6.65 -3.62 -47.27
C VAL E 13 -5.56 -3.72 -48.30
N THR E 14 -5.92 -3.52 -49.56
CA THR E 14 -4.95 -3.53 -50.64
C THR E 14 -4.14 -2.24 -50.52
N PRO E 15 -2.81 -2.29 -50.60
CA PRO E 15 -1.95 -1.10 -50.59
C PRO E 15 -2.47 0.02 -51.52
N GLY E 16 -2.64 1.22 -50.94
CA GLY E 16 -3.15 2.42 -51.62
C GLY E 16 -4.56 2.76 -51.18
N GLN E 17 -5.35 1.75 -50.85
CA GLN E 17 -6.73 1.99 -50.45
C GLN E 17 -6.82 2.42 -48.97
N PRO E 18 -7.88 3.15 -48.60
CA PRO E 18 -8.20 3.57 -47.22
C PRO E 18 -8.94 2.45 -46.47
N ALA E 19 -8.87 2.44 -45.15
CA ALA E 19 -9.56 1.42 -44.35
C ALA E 19 -10.41 2.16 -43.34
N SER E 20 -11.55 1.59 -42.99
CA SER E 20 -12.47 2.26 -42.07
C SER E 20 -13.06 1.29 -41.04
N ILE E 21 -13.10 1.72 -39.79
CA ILE E 21 -13.63 0.90 -38.71
C ILE E 21 -14.72 1.65 -37.94
N SER E 22 -15.88 1.02 -37.79
CA SER E 22 -17.00 1.60 -37.04
C SER E 22 -16.98 1.08 -35.61
N CYS E 23 -17.23 1.99 -34.67
CA CYS E 23 -17.31 1.68 -33.24
C CYS E 23 -18.56 2.35 -32.68
N LYS E 24 -19.50 1.57 -32.15
CA LYS E 24 -20.71 2.18 -31.59
C LYS E 24 -20.85 1.82 -30.12
N SER E 25 -21.22 2.78 -29.28
CA SER E 25 -21.44 2.52 -27.86
C SER E 25 -22.94 2.45 -27.52
N SER E 26 -23.26 1.64 -26.50
CA SER E 26 -24.63 1.46 -25.99
C SER E 26 -25.11 2.74 -25.30
N GLN E 27 -24.16 3.64 -25.07
CA GLN E 27 -24.47 4.88 -24.42
C GLN E 27 -23.60 5.99 -24.95
N SER E 28 -24.11 7.22 -24.94
CA SER E 28 -23.32 8.37 -25.29
C SER E 28 -22.06 8.44 -24.46
N LEU E 29 -20.96 8.85 -25.06
CA LEU E 29 -19.69 8.88 -24.36
C LEU E 29 -19.34 10.32 -24.05
N LEU E 30 -20.26 11.23 -24.36
CA LEU E 30 -20.06 12.63 -24.00
C LEU E 30 -20.43 12.86 -22.53
N HIS E 31 -19.53 13.45 -21.76
CA HIS E 31 -19.69 13.66 -20.31
C HIS E 31 -20.11 15.10 -20.01
N THR E 32 -20.54 15.35 -18.76
CA THR E 32 -20.99 16.68 -18.38
C THR E 32 -19.83 17.68 -18.40
N ASP E 33 -18.59 17.20 -18.30
CA ASP E 33 -17.45 18.13 -18.35
C ASP E 33 -17.15 18.49 -19.79
N GLY E 34 -17.96 17.97 -20.72
CA GLY E 34 -17.85 18.37 -22.10
C GLY E 34 -17.02 17.42 -22.94
N THR E 35 -16.28 16.55 -22.27
CA THR E 35 -15.40 15.63 -22.95
C THR E 35 -16.15 14.41 -23.45
N THR E 36 -15.80 13.97 -24.64
CA THR E 36 -16.32 12.73 -25.17
C THR E 36 -15.21 11.69 -24.98
N TYR E 37 -15.39 10.80 -24.02
CA TYR E 37 -14.33 9.86 -23.65
C TYR E 37 -14.30 8.60 -24.49
N LEU E 38 -13.91 8.76 -25.75
CA LEU E 38 -13.74 7.63 -26.66
C LEU E 38 -12.26 7.52 -27.09
N TYR E 39 -11.69 6.31 -26.98
CA TYR E 39 -10.27 6.08 -27.25
C TYR E 39 -10.02 4.95 -28.20
N TRP E 40 -8.97 5.09 -29.00
CA TRP E 40 -8.52 4.04 -29.89
C TRP E 40 -7.15 3.55 -29.48
N TYR E 41 -7.00 2.23 -29.45
CA TYR E 41 -5.73 1.60 -29.15
C TYR E 41 -5.38 0.63 -30.28
N LEU E 42 -4.08 0.47 -30.49
CA LEU E 42 -3.55 -0.47 -31.47
C LEU E 42 -2.63 -1.48 -30.80
N GLN E 43 -2.85 -2.75 -31.09
CA GLN E 43 -1.92 -3.78 -30.67
C GLN E 43 -1.26 -4.44 -31.87
N LYS E 44 0.01 -4.13 -32.10
CA LYS E 44 0.73 -4.76 -33.18
C LYS E 44 1.15 -6.15 -32.72
N PRO E 45 1.36 -7.09 -33.64
CA PRO E 45 1.72 -8.47 -33.26
C PRO E 45 2.97 -8.50 -32.35
N GLY E 46 2.87 -9.19 -31.22
CA GLY E 46 3.98 -9.38 -30.30
C GLY E 46 4.29 -8.20 -29.41
N GLN E 47 3.44 -7.18 -29.46
CA GLN E 47 3.63 -5.96 -28.65
C GLN E 47 2.43 -5.68 -27.75
N PRO E 48 2.67 -4.86 -26.71
CA PRO E 48 1.59 -4.35 -25.85
C PRO E 48 0.68 -3.41 -26.63
N PRO E 49 -0.56 -3.23 -26.18
CA PRO E 49 -1.42 -2.22 -26.84
C PRO E 49 -0.80 -0.84 -26.73
N GLN E 50 -1.03 0.06 -27.69
CA GLN E 50 -0.51 1.41 -27.59
C GLN E 50 -1.65 2.36 -27.94
N LEU E 51 -1.63 3.51 -27.29
CA LEU E 51 -2.62 4.54 -27.51
C LEU E 51 -2.44 5.21 -28.89
N LEU E 52 -3.55 5.32 -29.59
CA LEU E 52 -3.59 5.90 -30.93
C LEU E 52 -4.28 7.25 -30.94
N ILE E 53 -5.50 7.25 -30.44
CA ILE E 53 -6.33 8.44 -30.43
C ILE E 53 -6.91 8.65 -29.07
N TYR E 54 -6.95 9.89 -28.62
CA TYR E 54 -7.63 10.24 -27.38
C TYR E 54 -8.72 11.30 -27.60
N GLU E 55 -9.80 11.18 -26.84
CA GLU E 55 -10.96 12.05 -26.99
C GLU E 55 -11.39 12.13 -28.46
N VAL E 56 -11.67 10.97 -29.03
CA VAL E 56 -12.30 10.80 -30.35
C VAL E 56 -11.39 10.94 -31.56
N SER E 57 -10.62 12.04 -31.64
CA SER E 57 -9.93 12.40 -32.88
C SER E 57 -8.54 12.97 -32.68
N ASN E 58 -8.02 12.98 -31.45
CA ASN E 58 -6.68 13.53 -31.22
C ASN E 58 -5.59 12.47 -31.39
N ARG E 59 -4.67 12.68 -32.34
CA ARG E 59 -3.60 11.73 -32.56
C ARG E 59 -2.61 11.86 -31.44
N PHE E 60 -2.28 10.75 -30.82
CA PHE E 60 -1.29 10.76 -29.77
C PHE E 60 0.08 10.97 -30.42
N SER E 61 1.04 11.52 -29.69
CA SER E 61 2.37 11.80 -30.23
C SER E 61 3.01 10.57 -30.89
N GLY E 62 3.48 10.72 -32.12
CA GLY E 62 4.18 9.66 -32.84
C GLY E 62 3.31 8.85 -33.76
N VAL E 63 2.02 9.15 -33.74
CA VAL E 63 1.06 8.49 -34.59
C VAL E 63 0.94 9.29 -35.89
N PRO E 64 1.19 8.65 -37.05
CA PRO E 64 1.18 9.29 -38.38
C PRO E 64 -0.15 9.94 -38.72
N ASP E 65 -0.13 10.90 -39.65
CA ASP E 65 -1.32 11.68 -40.01
C ASP E 65 -2.41 11.00 -40.84
N ARG E 66 -2.15 9.77 -41.24
CA ARG E 66 -3.11 8.96 -41.98
C ARG E 66 -4.16 8.33 -41.08
N PHE E 67 -3.94 8.38 -39.77
CA PHE E 67 -4.97 7.96 -38.84
C PHE E 67 -5.84 9.13 -38.50
N SER E 68 -7.14 8.93 -38.55
CA SER E 68 -8.07 9.99 -38.26
C SER E 68 -9.32 9.46 -37.52
N GLY E 69 -9.62 10.01 -36.36
CA GLY E 69 -10.77 9.57 -35.58
C GLY E 69 -11.90 10.57 -35.62
N SER E 70 -13.14 10.10 -35.61
CA SER E 70 -14.26 11.03 -35.60
C SER E 70 -15.48 10.36 -34.93
N GLY E 71 -16.54 11.13 -34.77
CA GLY E 71 -17.78 10.61 -34.23
C GLY E 71 -18.27 11.47 -33.08
N SER E 72 -19.45 11.14 -32.56
CA SER E 72 -20.02 11.89 -31.45
C SER E 72 -21.12 11.11 -30.75
N GLY E 73 -21.32 11.33 -29.45
CA GLY E 73 -22.42 10.66 -28.79
C GLY E 73 -22.16 9.18 -28.67
N THR E 74 -22.78 8.43 -29.58
CA THR E 74 -22.69 6.98 -29.63
C THR E 74 -22.03 6.43 -30.94
N ASP E 75 -21.67 7.31 -31.87
CA ASP E 75 -21.14 6.86 -33.16
C ASP E 75 -19.71 7.33 -33.47
N PHE E 76 -18.79 6.40 -33.74
CA PHE E 76 -17.40 6.75 -33.96
C PHE E 76 -16.79 6.02 -35.15
N THR E 77 -15.75 6.61 -35.74
CA THR E 77 -15.08 6.01 -36.88
C THR E 77 -13.56 6.17 -36.76
N LEU E 78 -12.81 5.10 -37.03
CA LEU E 78 -11.37 5.24 -37.22
C LEU E 78 -11.08 5.14 -38.71
N LYS E 79 -10.41 6.15 -39.27
CA LYS E 79 -10.00 6.10 -40.67
C LYS E 79 -8.49 5.99 -40.77
N ILE E 80 -8.04 5.22 -41.76
CA ILE E 80 -6.63 5.13 -42.11
C ILE E 80 -6.52 5.35 -43.63
N SER E 81 -6.04 6.52 -44.04
CA SER E 81 -6.08 6.89 -45.46
C SER E 81 -5.33 5.94 -46.40
N ARG E 82 -4.27 5.33 -45.88
CA ARG E 82 -3.53 4.29 -46.58
C ARG E 82 -3.06 3.39 -45.50
N VAL E 83 -2.99 2.11 -45.83
CA VAL E 83 -2.55 1.12 -44.87
C VAL E 83 -1.19 0.55 -45.24
N GLU E 84 -0.20 0.90 -44.43
CA GLU E 84 1.15 0.38 -44.62
C GLU E 84 1.23 -0.92 -43.85
N ALA E 85 2.29 -1.68 -44.09
CA ALA E 85 2.55 -2.93 -43.40
C ALA E 85 2.63 -2.68 -41.90
N GLU E 86 3.06 -1.48 -41.52
CA GLU E 86 3.24 -1.11 -40.11
C GLU E 86 1.93 -0.99 -39.35
N ASP E 87 0.85 -0.81 -40.11
CA ASP E 87 -0.48 -0.63 -39.54
C ASP E 87 -1.22 -1.92 -39.20
N VAL E 88 -0.68 -3.07 -39.61
CA VAL E 88 -1.37 -4.34 -39.36
C VAL E 88 -1.35 -4.67 -37.87
N GLY E 89 -2.48 -5.18 -37.38
CA GLY E 89 -2.64 -5.47 -35.98
C GLY E 89 -4.10 -5.44 -35.58
N ILE E 90 -4.34 -5.23 -34.30
CA ILE E 90 -5.71 -5.22 -33.80
C ILE E 90 -6.08 -3.83 -33.28
N TYR E 91 -7.13 -3.25 -33.82
CA TYR E 91 -7.57 -1.93 -33.38
C TYR E 91 -8.73 -2.03 -32.41
N TYR E 92 -8.62 -1.40 -31.25
CA TYR E 92 -9.69 -1.39 -30.27
C TYR E 92 -10.19 0.00 -30.01
N CYS E 93 -11.50 0.16 -29.96
CA CYS E 93 -12.08 1.36 -29.39
C CYS E 93 -12.31 1.11 -27.91
N MET E 94 -12.44 2.18 -27.13
CA MET E 94 -12.65 2.01 -25.72
C MET E 94 -13.33 3.24 -25.19
N GLN E 95 -14.30 3.04 -24.32
CA GLN E 95 -14.97 4.15 -23.63
C GLN E 95 -14.31 4.36 -22.29
N ASN E 96 -14.11 5.62 -21.91
CA ASN E 96 -13.45 5.91 -20.64
C ASN E 96 -14.35 6.79 -19.78
N ILE E 97 -15.66 6.67 -19.94
CA ILE E 97 -16.59 7.54 -19.28
C ILE E 97 -17.28 6.87 -18.09
N GLN E 98 -17.41 5.55 -18.12
CA GLN E 98 -18.12 4.82 -17.07
C GLN E 98 -17.47 3.50 -16.66
N LEU E 99 -17.06 3.41 -15.39
CA LEU E 99 -16.54 2.16 -14.88
C LEU E 99 -17.65 1.12 -15.00
N PRO E 100 -17.31 -0.12 -15.37
CA PRO E 100 -15.95 -0.53 -15.70
C PRO E 100 -15.62 -0.12 -17.14
N TRP E 101 -14.37 0.23 -17.40
CA TRP E 101 -13.94 0.58 -18.76
C TRP E 101 -14.16 -0.60 -19.67
N THR E 102 -14.60 -0.34 -20.91
CA THR E 102 -14.85 -1.44 -21.82
C THR E 102 -14.25 -1.17 -23.20
N PHE E 103 -13.71 -2.22 -23.84
CA PHE E 103 -13.17 -2.14 -25.19
C PHE E 103 -14.17 -2.79 -26.16
N GLY E 104 -14.02 -2.50 -27.44
CA GLY E 104 -14.72 -3.20 -28.50
C GLY E 104 -14.07 -4.57 -28.71
N GLN E 105 -14.61 -5.36 -29.64
CA GLN E 105 -14.10 -6.73 -29.87
C GLN E 105 -12.65 -6.81 -30.37
N GLY E 106 -12.17 -5.72 -30.97
CA GLY E 106 -10.86 -5.68 -31.60
C GLY E 106 -11.04 -5.97 -33.08
N THR E 107 -10.58 -5.06 -33.94
CA THR E 107 -10.64 -5.28 -35.40
C THR E 107 -9.25 -5.63 -35.97
N LYS E 108 -9.11 -6.74 -36.69
CA LYS E 108 -7.82 -7.11 -37.25
C LYS E 108 -7.68 -6.54 -38.65
N VAL E 109 -6.60 -5.81 -38.87
CA VAL E 109 -6.32 -5.22 -40.15
C VAL E 109 -5.18 -5.96 -40.81
N GLU E 110 -5.34 -6.23 -42.10
CA GLU E 110 -4.38 -7.05 -42.86
C GLU E 110 -4.18 -6.45 -44.24
N ILE E 111 -3.03 -6.74 -44.83
CA ILE E 111 -2.77 -6.25 -46.17
C ILE E 111 -3.36 -7.24 -47.18
N LYS E 112 -4.07 -6.73 -48.18
CA LYS E 112 -4.60 -7.59 -49.23
C LYS E 112 -3.72 -7.55 -50.46
N ARG E 113 -3.20 -8.72 -50.83
CA ARG E 113 -2.38 -8.90 -52.00
C ARG E 113 -3.07 -9.89 -52.92
N THR E 114 -2.45 -10.17 -54.07
CA THR E 114 -2.98 -11.15 -55.01
C THR E 114 -2.89 -12.58 -54.44
N VAL E 115 -3.83 -13.43 -54.83
CA VAL E 115 -3.86 -14.80 -54.35
C VAL E 115 -2.56 -15.54 -54.68
N ALA E 116 -2.11 -16.34 -53.71
CA ALA E 116 -0.92 -17.17 -53.88
C ALA E 116 -1.17 -18.54 -53.26
N ALA E 117 -1.03 -19.60 -54.04
CA ALA E 117 -1.23 -20.94 -53.50
C ALA E 117 -0.11 -21.28 -52.51
N PRO E 118 -0.43 -22.07 -51.47
CA PRO E 118 0.61 -22.49 -50.51
C PRO E 118 1.45 -23.61 -51.09
N SER E 119 2.76 -23.60 -50.86
CA SER E 119 3.59 -24.76 -51.17
C SER E 119 3.56 -25.70 -49.97
N VAL E 120 3.16 -26.95 -50.21
CA VAL E 120 2.92 -27.93 -49.16
C VAL E 120 4.04 -28.97 -49.08
N PHE E 121 4.43 -29.26 -47.85
CA PHE E 121 5.41 -30.28 -47.55
C PHE E 121 4.88 -31.16 -46.44
N ILE E 122 5.28 -32.42 -46.44
CA ILE E 122 4.90 -33.31 -45.35
C ILE E 122 6.16 -33.96 -44.80
N PHE E 123 6.20 -34.10 -43.47
CA PHE E 123 7.36 -34.67 -42.79
C PHE E 123 6.89 -35.81 -41.91
N PRO E 124 7.44 -37.02 -42.14
CA PRO E 124 7.16 -38.13 -41.24
C PRO E 124 7.82 -37.90 -39.87
N PRO E 125 7.40 -38.62 -38.83
CA PRO E 125 8.05 -38.55 -37.51
C PRO E 125 9.48 -39.07 -37.55
N SER E 126 10.29 -38.57 -36.64
CA SER E 126 11.70 -38.98 -36.53
C SER E 126 11.84 -40.26 -35.71
N ASP E 127 12.88 -41.04 -36.00
CA ASP E 127 13.21 -42.22 -35.19
C ASP E 127 13.27 -41.87 -33.72
N GLU E 128 13.97 -40.78 -33.43
N GLU E 128 13.96 -40.78 -33.43
CA GLU E 128 14.15 -40.34 -32.07
CA GLU E 128 14.15 -40.32 -32.06
C GLU E 128 12.81 -40.23 -31.34
C GLU E 128 12.83 -40.15 -31.32
N GLN E 129 11.82 -39.58 -31.98
CA GLN E 129 10.52 -39.39 -31.35
C GLN E 129 9.76 -40.70 -31.19
N LEU E 130 9.85 -41.55 -32.21
CA LEU E 130 9.19 -42.84 -32.20
C LEU E 130 9.70 -43.64 -31.01
N LYS E 131 10.96 -43.42 -30.65
CA LYS E 131 11.59 -44.08 -29.51
C LYS E 131 10.87 -43.80 -28.20
N SER E 132 10.36 -42.58 -28.09
CA SER E 132 9.62 -42.13 -26.91
C SER E 132 8.24 -42.73 -26.90
N GLY E 133 7.85 -43.37 -28.00
CA GLY E 133 6.55 -44.01 -28.05
C GLY E 133 5.45 -43.08 -28.54
N THR E 134 5.83 -42.05 -29.30
CA THR E 134 4.86 -41.12 -29.86
C THR E 134 5.34 -40.75 -31.24
N ALA E 135 4.39 -40.41 -32.11
CA ALA E 135 4.71 -40.03 -33.47
C ALA E 135 3.93 -38.79 -33.84
N SER E 136 4.66 -37.77 -34.27
CA SER E 136 4.07 -36.53 -34.73
C SER E 136 4.40 -36.37 -36.20
N VAL E 137 3.37 -36.11 -36.98
CA VAL E 137 3.48 -35.83 -38.40
C VAL E 137 3.14 -34.37 -38.65
N VAL E 138 3.94 -33.74 -39.51
CA VAL E 138 3.87 -32.30 -39.79
C VAL E 138 3.57 -32.01 -41.24
N CYS E 139 2.64 -31.08 -41.45
CA CYS E 139 2.27 -30.64 -42.77
C CYS E 139 2.58 -29.15 -42.86
N LEU E 140 3.37 -28.72 -43.85
CA LEU E 140 3.74 -27.32 -43.92
C LEU E 140 3.07 -26.64 -45.11
N LEU E 141 2.32 -25.56 -44.86
CA LEU E 141 1.77 -24.74 -45.95
C LEU E 141 2.50 -23.43 -46.06
N ASN E 142 3.21 -23.20 -47.16
CA ASN E 142 4.13 -22.08 -47.25
C ASN E 142 3.69 -20.89 -48.09
N ASN E 143 3.73 -19.72 -47.44
CA ASN E 143 3.51 -18.44 -48.11
C ASN E 143 2.25 -18.38 -48.96
N PHE E 144 1.09 -18.41 -48.33
CA PHE E 144 -0.12 -18.32 -49.12
C PHE E 144 -0.93 -17.07 -48.74
N TYR E 145 -1.81 -16.66 -49.66
CA TYR E 145 -2.71 -15.58 -49.37
C TYR E 145 -3.99 -15.81 -50.16
N PRO E 146 -5.14 -15.61 -49.53
CA PRO E 146 -5.37 -15.12 -48.17
C PRO E 146 -5.15 -16.19 -47.11
N ARG E 147 -5.42 -15.82 -45.86
CA ARG E 147 -5.14 -16.68 -44.72
C ARG E 147 -5.97 -17.94 -44.53
N GLU E 148 -7.17 -17.91 -45.09
CA GLU E 148 -8.11 -19.01 -44.91
C GLU E 148 -7.65 -20.26 -45.64
N ALA E 149 -7.37 -21.34 -44.92
CA ALA E 149 -6.98 -22.57 -45.62
C ALA E 149 -7.58 -23.79 -44.92
N LYS E 150 -7.72 -24.91 -45.64
CA LYS E 150 -8.27 -26.09 -44.99
C LYS E 150 -7.25 -27.20 -45.13
N VAL E 151 -6.82 -27.74 -43.99
CA VAL E 151 -5.90 -28.86 -44.02
C VAL E 151 -6.59 -30.09 -43.42
N GLN E 152 -6.72 -31.18 -44.17
CA GLN E 152 -7.36 -32.38 -43.61
C GLN E 152 -6.35 -33.53 -43.61
N TRP E 153 -6.22 -34.19 -42.46
CA TRP E 153 -5.33 -35.35 -42.30
C TRP E 153 -6.09 -36.62 -42.62
N LYS E 154 -5.47 -37.44 -43.46
CA LYS E 154 -5.96 -38.79 -43.81
C LYS E 154 -4.97 -39.87 -43.46
N VAL E 155 -5.40 -40.85 -42.66
CA VAL E 155 -4.59 -42.02 -42.38
C VAL E 155 -5.26 -43.22 -43.01
N ASP E 156 -4.58 -43.85 -43.95
CA ASP E 156 -5.18 -44.92 -44.74
C ASP E 156 -6.58 -44.45 -45.17
N ASN E 157 -6.66 -43.20 -45.64
CA ASN E 157 -7.90 -42.63 -46.19
C ASN E 157 -8.93 -42.28 -45.14
N ALA E 158 -8.72 -42.65 -43.88
CA ALA E 158 -9.70 -42.27 -42.87
C ALA E 158 -9.41 -40.84 -42.43
N LEU E 159 -10.37 -39.96 -42.69
CA LEU E 159 -10.30 -38.59 -42.26
C LEU E 159 -10.11 -38.59 -40.76
N GLN E 160 -9.19 -37.76 -40.29
CA GLN E 160 -8.89 -37.66 -38.89
C GLN E 160 -9.59 -36.45 -38.27
N SER E 161 -9.93 -36.54 -36.98
CA SER E 161 -10.55 -35.44 -36.27
C SER E 161 -10.15 -35.58 -34.82
N GLY E 162 -9.80 -34.47 -34.19
CA GLY E 162 -9.48 -34.47 -32.78
C GLY E 162 -8.04 -34.81 -32.43
N ASN E 163 -7.19 -35.13 -33.40
CA ASN E 163 -5.79 -35.46 -33.09
C ASN E 163 -4.72 -34.64 -33.79
N SER E 164 -5.08 -33.42 -34.20
CA SER E 164 -4.11 -32.54 -34.84
C SER E 164 -4.27 -31.08 -34.37
N GLN E 165 -3.18 -30.31 -34.34
CA GLN E 165 -3.30 -28.89 -33.98
C GLN E 165 -2.43 -28.12 -34.92
N GLU E 166 -2.80 -26.86 -35.12
CA GLU E 166 -2.08 -26.00 -36.02
C GLU E 166 -2.02 -24.52 -35.62
N SER E 167 -1.05 -23.81 -36.19
CA SER E 167 -0.89 -22.38 -35.98
C SER E 167 -0.32 -21.73 -37.23
N VAL E 168 -0.55 -20.43 -37.37
CA VAL E 168 -0.11 -19.66 -38.52
C VAL E 168 0.86 -18.56 -38.08
N THR E 169 1.86 -18.29 -38.91
CA THR E 169 2.81 -17.20 -38.63
C THR E 169 2.04 -15.89 -38.77
N GLU E 170 2.61 -14.77 -38.33
CA GLU E 170 2.02 -13.49 -38.65
C GLU E 170 2.28 -13.19 -40.13
N GLN E 171 1.44 -12.35 -40.73
CA GLN E 171 1.59 -12.04 -42.14
C GLN E 171 2.96 -11.45 -42.41
N ASP E 172 3.67 -12.01 -43.38
CA ASP E 172 5.00 -11.50 -43.74
C ASP E 172 4.94 -10.13 -44.34
N SER E 173 5.78 -9.25 -43.79
CA SER E 173 5.76 -7.83 -44.12
CA SER E 173 5.79 -7.83 -44.11
C SER E 173 6.09 -7.56 -45.58
N LYS E 174 7.05 -8.29 -46.11
CA LYS E 174 7.62 -8.04 -47.43
C LYS E 174 6.59 -8.48 -48.49
N ASP E 175 6.20 -9.76 -48.40
CA ASP E 175 5.34 -10.38 -49.42
C ASP E 175 3.88 -10.57 -48.98
N SER E 176 3.57 -10.24 -47.73
CA SER E 176 2.17 -10.25 -47.26
C SER E 176 1.54 -11.64 -47.24
N THR E 177 2.34 -12.69 -47.12
CA THR E 177 1.78 -14.04 -47.12
C THR E 177 1.65 -14.58 -45.72
N TYR E 178 1.02 -15.75 -45.60
CA TYR E 178 0.95 -16.46 -44.33
C TYR E 178 1.55 -17.82 -44.58
N SER E 179 2.00 -18.46 -43.51
CA SER E 179 2.37 -19.87 -43.54
C SER E 179 1.69 -20.59 -42.38
N LEU E 180 1.43 -21.88 -42.57
CA LEU E 180 0.73 -22.69 -41.58
C LEU E 180 1.47 -24.00 -41.34
N SER E 181 1.54 -24.40 -40.07
CA SER E 181 2.13 -25.66 -39.68
C SER E 181 1.05 -26.48 -38.98
N SER E 182 0.84 -27.70 -39.44
CA SER E 182 -0.16 -28.59 -38.85
C SER E 182 0.51 -29.85 -38.33
N THR E 183 0.21 -30.24 -37.10
CA THR E 183 0.82 -31.42 -36.53
C THR E 183 -0.18 -32.52 -36.16
N LEU E 184 -0.04 -33.70 -36.75
CA LEU E 184 -0.83 -34.85 -36.35
C LEU E 184 -0.04 -35.69 -35.38
N THR E 185 -0.70 -36.07 -34.29
CA THR E 185 -0.04 -36.85 -33.24
C THR E 185 -0.78 -38.14 -32.96
N LEU E 186 0.00 -39.22 -33.09
CA LEU E 186 -0.49 -40.55 -32.85
C LEU E 186 0.49 -41.24 -31.94
N SER E 187 -0.01 -42.15 -31.11
CA SER E 187 0.87 -42.98 -30.34
C SER E 187 1.70 -43.81 -31.34
N LYS E 188 2.85 -44.29 -30.90
CA LYS E 188 3.69 -45.11 -31.76
C LYS E 188 2.99 -46.38 -32.25
N ALA E 189 2.24 -46.97 -31.34
CA ALA E 189 1.52 -48.21 -31.60
C ALA E 189 0.51 -47.98 -32.71
N ASP E 190 -0.21 -46.87 -32.64
CA ASP E 190 -1.21 -46.56 -33.65
C ASP E 190 -0.56 -46.21 -34.96
N TYR E 191 0.59 -45.54 -34.90
CA TYR E 191 1.28 -45.12 -36.11
C TYR E 191 1.66 -46.32 -36.95
N GLU E 192 2.08 -47.38 -36.27
CA GLU E 192 2.61 -48.56 -36.95
C GLU E 192 1.46 -49.43 -37.51
N LYS E 193 0.22 -49.12 -37.15
CA LYS E 193 -0.95 -49.80 -37.71
C LYS E 193 -1.33 -49.40 -39.14
N HIS E 194 -1.05 -48.18 -39.55
CA HIS E 194 -1.46 -47.74 -40.88
C HIS E 194 -0.26 -47.49 -41.74
N LYS E 195 -0.45 -47.59 -43.04
CA LYS E 195 0.68 -47.45 -43.93
C LYS E 195 0.82 -46.02 -44.46
N VAL E 196 -0.28 -45.49 -44.98
CA VAL E 196 -0.26 -44.21 -45.68
C VAL E 196 -0.69 -43.02 -44.82
N TYR E 197 0.17 -42.01 -44.72
CA TYR E 197 -0.12 -40.78 -44.00
C TYR E 197 -0.14 -39.62 -44.98
N ALA E 198 -1.27 -38.91 -45.01
CA ALA E 198 -1.46 -37.85 -46.00
C ALA E 198 -2.09 -36.60 -45.44
N CYS E 199 -1.73 -35.47 -46.03
CA CYS E 199 -2.35 -34.19 -45.70
CA CYS E 199 -2.41 -34.21 -45.70
C CYS E 199 -2.81 -33.53 -46.99
N GLU E 200 -4.11 -33.25 -47.10
CA GLU E 200 -4.69 -32.66 -48.29
C GLU E 200 -5.12 -31.21 -47.99
N VAL E 201 -4.64 -30.27 -48.79
CA VAL E 201 -4.86 -28.86 -48.53
C VAL E 201 -5.75 -28.20 -49.56
N THR E 202 -6.71 -27.44 -49.04
CA THR E 202 -7.67 -26.73 -49.87
C THR E 202 -7.52 -25.23 -49.67
N HIS E 203 -7.31 -24.52 -50.77
CA HIS E 203 -7.08 -23.07 -50.71
C HIS E 203 -7.62 -22.38 -51.96
N GLN E 204 -7.96 -21.11 -51.83
CA GLN E 204 -8.54 -20.36 -52.92
C GLN E 204 -7.65 -20.36 -54.15
N GLY E 205 -6.35 -20.48 -53.91
CA GLY E 205 -5.38 -20.45 -54.98
C GLY E 205 -5.20 -21.77 -55.74
N LEU E 206 -5.72 -22.86 -55.18
CA LEU E 206 -5.66 -24.17 -55.83
C LEU E 206 -6.97 -24.51 -56.56
N SER E 207 -6.89 -24.91 -57.83
CA SER E 207 -8.09 -25.32 -58.58
C SER E 207 -8.72 -26.55 -57.95
N SER E 208 -7.87 -27.47 -57.49
CA SER E 208 -8.33 -28.65 -56.78
C SER E 208 -7.37 -28.88 -55.63
N PRO E 209 -7.81 -29.60 -54.59
CA PRO E 209 -6.97 -29.77 -53.40
C PRO E 209 -5.65 -30.49 -53.69
N VAL E 210 -4.62 -30.14 -52.93
CA VAL E 210 -3.30 -30.70 -53.14
C VAL E 210 -3.01 -31.66 -52.01
N THR E 211 -2.62 -32.89 -52.36
CA THR E 211 -2.32 -33.88 -51.35
C THR E 211 -0.83 -34.20 -51.34
N LYS E 212 -0.26 -34.21 -50.15
CA LYS E 212 1.12 -34.67 -49.93
C LYS E 212 1.04 -35.84 -48.97
N SER E 213 1.79 -36.90 -49.24
CA SER E 213 1.68 -38.10 -48.41
C SER E 213 2.99 -38.85 -48.44
N PHE E 214 3.14 -39.77 -47.50
CA PHE E 214 4.25 -40.70 -47.51
C PHE E 214 3.69 -42.00 -46.99
N ASN E 215 4.41 -43.07 -47.24
CA ASN E 215 4.03 -44.36 -46.73
C ASN E 215 4.93 -44.81 -45.58
N ARG E 216 4.36 -45.15 -44.44
CA ARG E 216 5.14 -45.60 -43.29
C ARG E 216 5.84 -46.86 -43.85
N GLY E 217 7.18 -46.89 -43.80
CA GLY E 217 7.92 -47.95 -44.50
C GLY E 217 8.39 -47.54 -45.89
N GLU E 218 8.37 -46.25 -46.14
CA GLU E 218 8.84 -45.69 -47.41
C GLU E 218 8.35 -46.41 -48.67
N VAL F 1 -15.67 22.01 -19.18
CA VAL F 1 -14.25 22.26 -18.79
C VAL F 1 -13.78 21.12 -17.90
N LYS F 2 -12.53 20.72 -18.03
CA LYS F 2 -12.03 19.56 -17.30
C LYS F 2 -12.11 19.76 -15.78
N PRO F 3 -12.07 18.63 -15.03
CA PRO F 3 -12.38 18.59 -13.59
C PRO F 3 -11.42 19.38 -12.69
N LEU F 4 -10.12 19.24 -12.95
CA LEU F 4 -9.11 19.84 -12.10
C LEU F 4 -8.66 21.19 -12.60
N GLN F 5 -8.79 22.18 -11.73
CA GLN F 5 -8.43 23.55 -12.08
C GLN F 5 -7.62 24.23 -10.98
N VAL F 6 -6.66 25.01 -11.42
CA VAL F 6 -5.75 25.71 -10.53
C VAL F 6 -5.80 27.22 -10.81
N GLU F 7 -5.63 28.00 -9.77
CA GLU F 7 -5.48 29.47 -9.83
C GLU F 7 -4.26 29.91 -9.11
N PRO F 8 -3.44 30.70 -9.80
CA PRO F 8 -3.64 31.10 -11.20
C PRO F 8 -3.36 29.94 -12.16
N PRO F 9 -3.97 29.98 -13.37
CA PRO F 9 -3.86 28.85 -14.32
C PRO F 9 -2.55 28.85 -15.07
N GLU F 10 -1.76 29.92 -15.00
CA GLU F 10 -0.56 29.96 -15.81
C GLU F 10 0.42 28.87 -15.43
N PRO F 11 1.08 28.32 -16.45
CA PRO F 11 2.07 27.25 -16.39
C PRO F 11 3.33 27.73 -15.76
N VAL F 12 3.56 29.05 -15.76
CA VAL F 12 4.73 29.56 -15.07
C VAL F 12 4.36 30.82 -14.31
N VAL F 13 4.85 30.89 -13.08
CA VAL F 13 4.39 31.89 -12.14
C VAL F 13 5.58 32.58 -11.52
N ALA F 14 5.50 33.87 -11.28
CA ALA F 14 6.68 34.55 -10.77
C ALA F 14 6.43 35.00 -9.35
N VAL F 15 7.48 34.99 -8.54
CA VAL F 15 7.36 35.51 -7.20
C VAL F 15 8.66 36.18 -6.85
N ALA F 16 8.52 37.34 -6.21
CA ALA F 16 9.65 38.12 -5.78
C ALA F 16 10.26 37.48 -4.56
N LEU F 17 11.57 37.58 -4.43
CA LEU F 17 12.25 37.05 -3.28
C LEU F 17 11.64 37.64 -2.00
N GLY F 18 11.36 36.79 -1.01
CA GLY F 18 10.78 37.28 0.23
C GLY F 18 9.27 37.56 0.22
N ALA F 19 8.66 37.57 -0.95
CA ALA F 19 7.21 37.81 -1.09
C ALA F 19 6.42 36.50 -1.03
N SER F 20 5.11 36.58 -1.26
CA SER F 20 4.23 35.41 -1.13
C SER F 20 3.44 35.17 -2.41
N ARG F 21 3.23 33.89 -2.74
CA ARG F 21 2.38 33.51 -3.86
C ARG F 21 1.38 32.41 -3.46
N GLN F 22 0.10 32.58 -3.82
CA GLN F 22 -0.90 31.56 -3.50
C GLN F 22 -1.44 30.84 -4.74
N LEU F 23 -1.52 29.53 -4.63
CA LEU F 23 -2.07 28.70 -5.68
C LEU F 23 -3.22 27.85 -5.15
N THR F 24 -4.41 27.93 -5.74
CA THR F 24 -5.55 27.18 -5.22
C THR F 24 -5.97 26.11 -6.21
N CYS F 25 -5.96 24.87 -5.77
CA CYS F 25 -6.40 23.78 -6.61
C CYS F 25 -7.76 23.21 -6.16
N ARG F 26 -8.70 23.07 -7.09
CA ARG F 26 -10.01 22.47 -6.80
C ARG F 26 -10.38 21.45 -7.84
N LEU F 27 -11.19 20.49 -7.42
CA LEU F 27 -11.62 19.39 -8.25
C LEU F 27 -13.11 19.34 -8.30
N ALA F 28 -13.63 19.55 -9.49
CA ALA F 28 -15.05 19.48 -9.71
C ALA F 28 -15.42 18.02 -9.91
N CYS F 29 -15.84 17.37 -8.81
CA CYS F 29 -16.22 15.97 -8.90
C CYS F 29 -17.57 15.80 -8.28
N ALA F 30 -18.36 15.00 -8.97
CA ALA F 30 -19.74 14.73 -8.63
C ALA F 30 -19.91 13.67 -7.54
N ASP F 31 -18.83 13.26 -6.84
CA ASP F 31 -19.01 12.17 -5.87
C ASP F 31 -18.14 12.11 -4.65
N ARG F 32 -18.74 11.69 -3.55
CA ARG F 32 -17.98 11.25 -2.38
C ARG F 32 -16.82 12.14 -1.93
N GLY F 33 -15.75 11.48 -1.47
CA GLY F 33 -14.61 12.16 -0.92
C GLY F 33 -13.47 12.16 -1.93
N ALA F 34 -13.79 12.65 -3.12
CA ALA F 34 -12.81 12.88 -4.16
C ALA F 34 -11.84 13.86 -3.52
N SER F 35 -10.57 13.79 -3.86
CA SER F 35 -9.58 14.67 -3.24
C SER F 35 -8.51 15.05 -4.26
N VAL F 36 -7.76 16.10 -3.94
CA VAL F 36 -6.65 16.50 -4.77
C VAL F 36 -5.41 16.44 -3.94
N GLN F 37 -4.25 16.60 -4.56
CA GLN F 37 -3.05 16.52 -3.79
C GLN F 37 -1.94 17.27 -4.49
N TRP F 38 -1.36 18.25 -3.79
CA TRP F 38 -0.19 18.98 -4.27
C TRP F 38 1.11 18.22 -3.99
N ARG F 39 2.09 18.40 -4.87
CA ARG F 39 3.43 17.84 -4.66
C ARG F 39 4.45 18.80 -5.25
N GLY F 40 5.57 18.94 -4.55
CA GLY F 40 6.71 19.71 -5.00
C GLY F 40 7.65 18.74 -5.66
N LEU F 41 7.95 18.90 -6.95
CA LEU F 41 8.73 17.86 -7.60
C LEU F 41 10.24 17.96 -7.43
N ASP F 42 10.78 19.12 -7.76
CA ASP F 42 12.22 19.30 -7.67
C ASP F 42 12.36 20.19 -6.44
N THR F 43 11.28 20.77 -5.92
CA THR F 43 11.48 21.77 -4.89
C THR F 43 10.57 21.36 -3.75
N SER F 44 10.76 22.00 -2.60
CA SER F 44 9.90 21.77 -1.45
C SER F 44 8.53 22.38 -1.67
N LEU F 45 7.49 21.65 -1.29
CA LEU F 45 6.11 22.02 -1.60
C LEU F 45 5.74 23.39 -1.05
N GLY F 46 5.78 23.56 0.28
CA GLY F 46 5.25 24.76 0.90
C GLY F 46 4.08 24.37 1.80
N ALA F 47 3.32 25.35 2.26
CA ALA F 47 2.24 25.10 3.20
C ALA F 47 0.91 24.99 2.47
N VAL F 48 0.22 23.87 2.59
CA VAL F 48 -1.09 23.70 1.99
C VAL F 48 -2.16 23.72 3.04
N GLN F 49 -3.26 24.39 2.76
CA GLN F 49 -4.36 24.36 3.67
C GLN F 49 -5.56 23.83 2.94
N SER F 50 -6.21 22.85 3.57
CA SER F 50 -7.28 22.12 2.86
C SER F 50 -8.55 22.82 3.11
N ASP F 51 -8.48 23.81 3.96
CA ASP F 51 -9.68 24.47 4.35
C ASP F 51 -9.95 25.73 3.55
N THR F 52 -11.22 25.98 3.28
CA THR F 52 -12.24 24.96 2.91
C THR F 52 -12.06 24.60 1.43
N GLY F 53 -12.89 23.67 0.93
CA GLY F 53 -12.82 23.20 -0.44
C GLY F 53 -12.23 24.29 -1.35
N ARG F 54 -10.99 24.12 -1.79
CA ARG F 54 -10.37 22.83 -1.63
C ARG F 54 -8.93 22.73 -1.15
N SER F 55 -7.92 22.70 -2.03
CA SER F 55 -6.55 22.68 -1.51
C SER F 55 -5.72 23.92 -1.88
N VAL F 56 -5.37 24.74 -0.90
CA VAL F 56 -4.70 26.01 -1.15
C VAL F 56 -3.23 25.93 -0.75
N LEU F 57 -2.36 26.09 -1.74
CA LEU F 57 -0.92 26.15 -1.47
C LEU F 57 -0.50 27.59 -1.33
N THR F 58 0.23 27.91 -0.27
CA THR F 58 0.74 29.25 -0.15
C THR F 58 2.22 29.17 0.08
N VAL F 59 2.99 29.71 -0.86
CA VAL F 59 4.41 29.87 -0.62
C VAL F 59 4.64 31.26 -0.03
N ARG F 60 5.15 31.33 1.19
CA ARG F 60 5.40 32.61 1.87
C ARG F 60 6.86 32.81 2.11
N ASN F 61 7.17 34.09 2.20
CA ASN F 61 8.50 34.60 2.38
C ASN F 61 9.48 33.80 1.54
N ALA F 62 9.25 33.82 0.22
CA ALA F 62 9.97 32.98 -0.73
C ALA F 62 11.50 33.17 -0.74
N SER F 63 12.22 32.06 -0.73
CA SER F 63 13.67 32.07 -0.93
C SER F 63 14.02 31.50 -2.30
N LEU F 64 15.28 31.58 -2.72
CA LEU F 64 15.59 31.06 -4.05
C LEU F 64 15.35 29.56 -4.29
N SER F 65 15.52 28.76 -3.25
CA SER F 65 15.36 27.30 -3.33
C SER F 65 13.91 26.90 -3.51
N ALA F 66 13.01 27.83 -3.21
CA ALA F 66 11.59 27.57 -3.26
C ALA F 66 11.17 27.46 -4.73
N ALA F 67 11.98 28.01 -5.62
CA ALA F 67 11.72 27.93 -7.07
C ALA F 67 11.72 26.46 -7.49
N GLY F 68 10.93 26.12 -8.49
CA GLY F 68 10.83 24.74 -8.94
C GLY F 68 9.40 24.42 -9.29
N THR F 69 9.14 23.15 -9.58
CA THR F 69 7.85 22.69 -10.06
C THR F 69 7.04 21.98 -8.99
N ARG F 70 5.75 22.31 -9.01
CA ARG F 70 4.76 21.72 -8.15
C ARG F 70 3.63 21.23 -9.03
N VAL F 71 2.91 20.24 -8.54
CA VAL F 71 1.82 19.67 -9.33
C VAL F 71 0.62 19.42 -8.46
N CYS F 72 -0.55 19.64 -9.04
CA CYS F 72 -1.76 19.26 -8.37
C CYS F 72 -2.42 18.11 -9.08
N VAL F 73 -2.78 17.09 -8.33
CA VAL F 73 -3.40 15.89 -8.89
C VAL F 73 -4.71 15.65 -8.21
N GLY F 74 -5.66 15.14 -8.97
CA GLY F 74 -6.95 14.84 -8.44
C GLY F 74 -7.64 13.97 -9.45
N SER F 75 -8.25 12.91 -8.94
CA SER F 75 -8.93 11.95 -9.76
C SER F 75 -10.42 12.02 -9.55
N CYS F 76 -11.18 11.89 -10.63
CA CYS F 76 -12.64 11.78 -10.55
C CYS F 76 -13.21 10.66 -11.43
N GLY F 77 -13.91 9.73 -10.80
CA GLY F 77 -14.56 8.64 -11.52
C GLY F 77 -13.60 7.72 -12.23
N GLY F 78 -12.40 7.63 -11.68
CA GLY F 78 -11.37 6.75 -12.20
C GLY F 78 -10.38 7.42 -13.14
N ARG F 79 -10.54 8.71 -13.38
CA ARG F 79 -9.62 9.42 -14.26
C ARG F 79 -8.84 10.46 -13.49
N THR F 80 -7.52 10.40 -13.58
CA THR F 80 -6.64 11.27 -12.84
C THR F 80 -6.19 12.44 -13.70
N PHE F 81 -6.41 13.67 -13.24
CA PHE F 81 -5.93 14.84 -13.96
C PHE F 81 -4.81 15.49 -13.16
N GLN F 82 -3.93 16.19 -13.85
CA GLN F 82 -2.82 16.87 -13.20
C GLN F 82 -2.71 18.30 -13.71
N HIS F 83 -2.20 19.18 -12.85
CA HIS F 83 -1.87 20.52 -13.28
C HIS F 83 -0.52 20.86 -12.70
N THR F 84 0.46 21.07 -13.56
CA THR F 84 1.81 21.39 -13.12
C THR F 84 2.02 22.90 -13.19
N VAL F 85 2.63 23.46 -12.16
CA VAL F 85 2.93 24.87 -12.19
C VAL F 85 4.37 25.10 -11.80
N GLN F 86 5.03 25.96 -12.55
CA GLN F 86 6.41 26.28 -12.28
C GLN F 86 6.53 27.66 -11.69
N LEU F 87 7.23 27.73 -10.56
CA LEU F 87 7.44 28.97 -9.85
C LEU F 87 8.86 29.45 -10.04
N LEU F 88 9.00 30.70 -10.47
CA LEU F 88 10.29 31.37 -10.59
C LEU F 88 10.49 32.40 -9.49
N VAL F 89 11.61 32.36 -8.78
CA VAL F 89 11.84 33.38 -7.77
C VAL F 89 12.85 34.40 -8.28
N TYR F 90 12.40 35.66 -8.35
CA TYR F 90 13.23 36.71 -8.92
C TYR F 90 13.44 37.77 -7.87
N ALA F 91 14.56 38.47 -7.98
CA ALA F 91 14.83 39.64 -7.15
C ALA F 91 15.18 40.83 -8.07
N PHE F 92 14.57 42.00 -7.86
CA PHE F 92 14.88 43.16 -8.69
C PHE F 92 14.59 44.42 -7.92
N PRO F 93 15.39 44.67 -6.87
CA PRO F 93 15.21 45.88 -6.07
C PRO F 93 15.61 47.13 -6.85
N ASN F 94 15.21 48.32 -6.40
CA ASN F 94 15.61 49.57 -7.04
C ASN F 94 16.95 50.04 -6.54
N GLN F 95 17.98 49.24 -6.78
CA GLN F 95 19.32 49.59 -6.39
C GLN F 95 20.22 49.61 -7.60
N LEU F 96 20.13 50.68 -8.39
CA LEU F 96 20.89 50.81 -9.63
C LEU F 96 21.98 51.79 -9.36
N THR F 97 23.22 51.30 -9.38
CA THR F 97 24.34 52.19 -9.16
C THR F 97 24.79 52.72 -10.51
N VAL F 98 25.27 53.94 -10.52
CA VAL F 98 25.72 54.54 -11.75
C VAL F 98 27.10 55.12 -11.56
N SER F 99 27.93 54.95 -12.57
CA SER F 99 29.30 55.40 -12.50
C SER F 99 29.84 55.89 -13.84
N PRO F 100 30.27 57.16 -13.92
CA PRO F 100 30.36 58.18 -12.86
C PRO F 100 28.99 58.68 -12.41
N ALA F 101 28.89 59.30 -11.23
CA ALA F 101 27.61 59.82 -10.77
C ALA F 101 27.09 60.96 -11.66
N ALA F 102 28.01 61.82 -12.14
CA ALA F 102 27.61 62.89 -13.04
C ALA F 102 28.62 62.97 -14.16
N LEU F 103 28.08 63.21 -15.34
CA LEU F 103 28.85 63.29 -16.57
C LEU F 103 29.21 64.72 -17.00
N VAL F 104 30.43 64.91 -17.47
CA VAL F 104 30.76 66.17 -18.13
C VAL F 104 30.93 65.81 -19.62
N PRO F 105 30.18 66.49 -20.53
CA PRO F 105 30.31 66.22 -21.97
C PRO F 105 31.77 66.06 -22.39
N GLY F 106 32.11 64.95 -23.03
CA GLY F 106 33.51 64.69 -23.29
C GLY F 106 34.01 63.49 -22.52
N ASP F 107 33.19 62.99 -21.61
CA ASP F 107 33.44 61.77 -20.83
C ASP F 107 33.25 60.57 -21.69
N PRO F 108 34.26 59.70 -21.68
CA PRO F 108 34.16 58.60 -22.65
C PRO F 108 33.04 57.57 -22.45
N GLU F 109 32.75 57.12 -21.23
CA GLU F 109 31.74 56.06 -21.10
C GLU F 109 31.05 56.15 -19.73
N VAL F 110 29.93 55.44 -19.63
CA VAL F 110 29.18 55.28 -18.38
C VAL F 110 28.83 53.82 -18.11
N ALA F 111 28.79 53.50 -16.82
CA ALA F 111 28.47 52.16 -16.34
C ALA F 111 27.25 52.23 -15.45
N CYS F 112 26.48 51.17 -15.52
CA CYS F 112 25.31 51.00 -14.69
C CYS F 112 25.28 49.63 -14.06
N THR F 113 25.02 49.61 -12.75
CA THR F 113 25.05 48.35 -12.03
C THR F 113 23.74 48.12 -11.38
N ALA F 114 23.15 46.97 -11.66
CA ALA F 114 21.99 46.50 -10.94
C ALA F 114 22.48 45.56 -9.85
N HIS F 115 22.13 45.84 -8.60
CA HIS F 115 22.63 45.09 -7.46
C HIS F 115 21.59 44.13 -6.92
N LYS F 116 22.06 43.00 -6.43
CA LYS F 116 21.14 42.10 -5.79
C LYS F 116 19.98 41.73 -6.68
N VAL F 117 20.31 41.23 -7.87
CA VAL F 117 19.33 40.84 -8.86
C VAL F 117 19.44 39.38 -9.17
N THR F 118 18.37 38.88 -9.75
CA THR F 118 18.26 37.53 -10.22
C THR F 118 16.90 37.44 -10.89
N PRO F 119 16.82 36.77 -12.03
CA PRO F 119 17.93 36.10 -12.69
C PRO F 119 18.82 37.17 -13.33
N VAL F 120 19.91 36.74 -13.95
CA VAL F 120 20.87 37.64 -14.58
C VAL F 120 20.79 37.29 -16.06
N ASP F 121 19.69 36.65 -16.42
CA ASP F 121 19.45 36.21 -17.78
C ASP F 121 19.28 37.35 -18.76
N PRO F 122 20.03 37.31 -19.87
CA PRO F 122 19.97 38.41 -20.85
C PRO F 122 18.60 38.65 -21.48
N ASN F 123 17.91 37.51 -21.60
CA ASN F 123 16.55 37.42 -22.11
C ASN F 123 15.54 38.00 -21.13
N ALA F 124 15.91 38.07 -19.84
CA ALA F 124 15.01 38.59 -18.82
C ALA F 124 15.39 39.97 -18.26
N LEU F 125 16.68 40.14 -17.97
CA LEU F 125 17.28 41.39 -17.47
C LEU F 125 18.03 42.11 -18.56
N SER F 126 17.61 43.33 -18.82
CA SER F 126 18.21 44.14 -19.85
C SER F 126 18.53 45.53 -19.35
N PHE F 127 19.62 46.11 -19.86
CA PHE F 127 19.99 47.46 -19.50
C PHE F 127 19.87 48.32 -20.75
N SER F 128 19.48 49.58 -20.62
CA SER F 128 19.47 50.52 -21.75
C SER F 128 19.78 51.94 -21.24
N LEU F 129 20.40 52.75 -22.10
CA LEU F 129 20.73 54.12 -21.78
C LEU F 129 19.69 55.06 -22.42
N LEU F 130 19.16 56.01 -21.65
CA LEU F 130 18.06 56.87 -22.08
C LEU F 130 18.45 58.36 -21.95
N VAL F 131 17.91 59.20 -22.84
CA VAL F 131 18.08 60.65 -22.72
C VAL F 131 16.65 61.17 -22.85
N GLY F 132 16.21 61.88 -21.83
CA GLY F 132 14.80 62.17 -21.69
C GLY F 132 14.09 60.81 -21.71
N GLY F 133 13.18 60.54 -22.66
CA GLY F 133 12.49 59.26 -22.71
C GLY F 133 12.99 58.08 -23.57
N GLN F 134 13.84 58.40 -24.55
CA GLN F 134 14.38 57.52 -25.61
C GLN F 134 15.84 57.12 -25.51
N GLU F 135 16.09 55.93 -26.05
CA GLU F 135 17.46 55.44 -26.08
C GLU F 135 18.33 56.47 -26.79
N LEU F 136 19.52 56.60 -26.24
CA LEU F 136 20.54 57.56 -26.65
C LEU F 136 21.21 57.07 -27.94
N GLU F 137 20.93 57.78 -29.04
CA GLU F 137 21.45 57.41 -30.33
C GLU F 137 22.95 57.46 -30.29
N GLY F 138 23.63 56.47 -30.85
CA GLY F 138 25.08 56.46 -30.86
C GLY F 138 25.70 55.80 -29.65
N ALA F 139 24.95 55.64 -28.56
CA ALA F 139 25.52 54.95 -27.42
C ALA F 139 25.64 53.46 -27.72
N GLN F 140 26.81 52.88 -27.44
CA GLN F 140 27.05 51.45 -27.76
C GLN F 140 27.51 50.64 -26.57
N ALA F 141 26.62 49.78 -26.11
CA ALA F 141 26.86 48.91 -24.98
C ALA F 141 27.98 47.94 -25.29
N LEU F 142 28.85 47.73 -24.31
CA LEU F 142 29.97 46.80 -24.42
C LEU F 142 29.51 45.39 -24.02
N GLY F 143 28.39 45.32 -23.32
CA GLY F 143 27.83 44.05 -22.92
C GLY F 143 27.82 43.91 -21.41
N PRO F 144 26.72 43.39 -20.85
CA PRO F 144 26.60 43.19 -19.40
C PRO F 144 27.68 42.27 -18.85
N GLU F 145 28.05 42.46 -17.59
CA GLU F 145 29.00 41.56 -16.95
C GLU F 145 28.55 41.21 -15.53
N VAL F 146 28.33 39.94 -15.27
CA VAL F 146 27.77 39.51 -14.00
C VAL F 146 28.74 38.98 -12.94
N GLN F 147 28.56 39.35 -11.69
CA GLN F 147 29.41 38.73 -10.68
C GLN F 147 28.46 38.48 -9.53
N GLU F 148 28.95 37.62 -8.67
CA GLU F 148 28.25 37.02 -7.56
C GLU F 148 28.22 38.00 -6.45
N GLU F 149 27.16 37.93 -5.67
CA GLU F 149 26.97 38.83 -4.56
C GLU F 149 27.18 40.32 -4.86
N ASP F 158 20.83 33.01 0.31
CA ASP F 158 20.57 33.16 -1.12
C ASP F 158 21.73 33.86 -1.83
N VAL F 159 22.12 33.37 -3.01
CA VAL F 159 23.22 34.00 -3.74
C VAL F 159 22.67 34.92 -4.81
N LEU F 160 22.84 36.23 -4.64
CA LEU F 160 22.37 37.15 -5.65
C LEU F 160 23.53 37.65 -6.52
N PHE F 161 23.27 38.61 -7.42
CA PHE F 161 24.34 39.04 -8.32
C PHE F 161 24.30 40.55 -8.55
N ARG F 162 25.41 41.13 -8.96
CA ARG F 162 25.37 42.49 -9.49
C ARG F 162 25.70 42.46 -10.97
N VAL F 163 24.95 43.20 -11.78
CA VAL F 163 25.18 43.16 -13.22
C VAL F 163 25.33 44.59 -13.75
N THR F 164 26.45 44.84 -14.41
CA THR F 164 26.79 46.18 -14.87
C THR F 164 26.84 46.27 -16.39
N GLU F 165 26.17 47.27 -16.94
CA GLU F 165 26.23 47.54 -18.39
C GLU F 165 26.97 48.87 -18.69
N ARG F 166 27.93 48.79 -19.61
CA ARG F 166 28.75 49.93 -20.04
C ARG F 166 28.46 50.37 -21.46
N TRP F 167 28.46 51.67 -21.66
CA TRP F 167 28.23 52.26 -22.95
C TRP F 167 29.33 53.24 -23.33
N ARG F 168 29.84 53.15 -24.55
CA ARG F 168 30.67 54.21 -25.08
C ARG F 168 29.73 55.33 -25.46
N LEU F 169 29.96 56.53 -24.92
CA LEU F 169 29.06 57.67 -25.13
C LEU F 169 29.41 58.45 -26.40
N PRO F 170 28.39 58.91 -27.14
CA PRO F 170 28.70 59.81 -28.26
C PRO F 170 28.76 61.25 -27.75
N PRO F 171 29.18 62.19 -28.59
CA PRO F 171 29.13 63.63 -28.30
C PRO F 171 27.66 63.99 -28.04
N LEU F 172 27.42 64.71 -26.96
CA LEU F 172 26.07 64.98 -26.43
C LEU F 172 25.34 66.16 -27.06
N GLY F 173 26.07 66.93 -27.86
CA GLY F 173 25.55 68.05 -28.61
C GLY F 173 25.04 69.15 -27.69
N THR F 174 24.68 70.27 -28.30
CA THR F 174 24.15 71.47 -27.62
C THR F 174 22.74 71.88 -28.06
N PRO F 175 21.92 72.36 -27.09
CA PRO F 175 22.28 72.44 -25.67
C PRO F 175 22.34 71.07 -25.00
N VAL F 176 23.37 70.88 -24.18
CA VAL F 176 23.57 69.62 -23.46
C VAL F 176 22.42 69.27 -22.53
N PRO F 177 21.94 68.01 -22.63
CA PRO F 177 20.87 67.47 -21.79
C PRO F 177 21.22 67.61 -20.29
N PRO F 178 20.24 67.92 -19.43
CA PRO F 178 20.60 68.03 -18.01
C PRO F 178 21.11 66.70 -17.42
N ALA F 179 20.71 65.59 -18.04
CA ALA F 179 21.07 64.25 -17.54
C ALA F 179 20.65 63.06 -18.41
N LEU F 180 21.43 61.99 -18.30
CA LEU F 180 21.08 60.71 -18.91
C LEU F 180 20.50 59.81 -17.84
N TYR F 181 19.77 58.79 -18.29
CA TYR F 181 19.07 57.89 -17.40
C TYR F 181 19.39 56.44 -17.74
N CYS F 182 19.94 55.72 -16.77
CA CYS F 182 20.07 54.28 -16.91
C CYS F 182 18.77 53.59 -16.53
N GLN F 183 18.34 52.60 -17.32
N GLN F 183 18.31 52.68 -17.38
CA GLN F 183 17.10 51.90 -16.99
CA GLN F 183 17.12 51.90 -17.07
C GLN F 183 17.31 50.41 -17.11
C GLN F 183 17.40 50.40 -17.10
N ALA F 184 17.00 49.70 -16.03
CA ALA F 184 17.09 48.24 -16.00
C ALA F 184 15.70 47.62 -15.93
N THR F 185 15.44 46.66 -16.80
CA THR F 185 14.16 45.96 -16.86
C THR F 185 14.29 44.45 -16.62
N MET F 186 13.40 43.94 -15.78
CA MET F 186 13.29 42.51 -15.49
C MET F 186 12.01 42.03 -16.18
N ARG F 187 12.18 41.08 -17.08
CA ARG F 187 11.10 40.51 -17.87
C ARG F 187 10.93 39.05 -17.54
N LEU F 188 9.76 38.76 -16.96
CA LEU F 188 9.35 37.40 -16.62
C LEU F 188 7.87 37.17 -17.01
N PRO F 189 7.43 35.90 -17.07
CA PRO F 189 6.03 35.60 -17.37
C PRO F 189 5.07 36.34 -16.45
N GLY F 190 4.34 37.31 -16.99
CA GLY F 190 3.41 38.08 -16.20
C GLY F 190 4.12 39.23 -15.51
N LEU F 191 5.41 39.38 -15.74
CA LEU F 191 6.14 40.40 -15.00
C LEU F 191 6.96 41.28 -15.93
N GLU F 192 6.79 42.57 -15.74
CA GLU F 192 7.63 43.59 -16.35
C GLU F 192 7.87 44.71 -15.35
N LEU F 193 9.08 44.77 -14.84
CA LEU F 193 9.51 45.77 -13.86
C LEU F 193 10.65 46.60 -14.44
N SER F 194 10.78 47.83 -13.95
CA SER F 194 11.85 48.72 -14.37
C SER F 194 12.24 49.74 -13.29
N HIS F 195 13.54 49.97 -13.20
CA HIS F 195 14.12 51.02 -12.36
C HIS F 195 15.08 51.90 -13.16
N ARG F 196 15.06 53.22 -12.94
N ARG F 196 15.21 53.15 -12.75
CA ARG F 196 16.03 54.10 -13.62
CA ARG F 196 16.06 54.08 -13.46
C ARG F 196 16.87 54.95 -12.63
C ARG F 196 16.99 54.74 -12.46
N GLN F 197 18.18 55.09 -12.91
CA GLN F 197 19.03 55.96 -12.12
C GLN F 197 19.60 57.08 -12.99
N ALA F 198 19.60 58.32 -12.47
CA ALA F 198 20.03 59.48 -13.24
C ALA F 198 21.54 59.69 -13.19
N ILE F 199 22.06 60.22 -14.28
CA ILE F 199 23.46 60.62 -14.43
C ILE F 199 23.44 62.08 -14.89
N PRO F 200 23.49 63.02 -13.94
CA PRO F 200 23.48 64.44 -14.31
C PRO F 200 24.65 64.82 -15.24
N VAL F 201 24.30 65.41 -16.38
CA VAL F 201 25.29 65.89 -17.33
C VAL F 201 25.53 67.39 -17.09
N LEU F 202 26.73 67.74 -16.61
CA LEU F 202 27.06 69.12 -16.30
C LEU F 202 27.69 69.92 -17.46
#